data_8YEV
#
_entry.id   8YEV
#
_cell.length_a   132.689
_cell.length_b   132.689
_cell.length_c   91.465
_cell.angle_alpha   90.000
_cell.angle_beta   90.000
_cell.angle_gamma   120.000
#
_symmetry.space_group_name_H-M   'P 63'
#
loop_
_entity.id
_entity.type
_entity.pdbx_description
1 polymer 'Dual specificity tyrosine-phosphorylation-regulated kinase 1A'
2 non-polymer Coumestrol
3 water water
#
_entity_poly.entity_id   1
_entity_poly.type   'polypeptide(L)'
_entity_poly.pdbx_seq_one_letter_code
;MKVYNDGYDDDNYDYIVKNGEKWMDRYEIDSLIGKGSFGQVVKAYDRVEQEWVAIKIIKNKKAFLNQAQIEVRLLELMNK
HDTEMKYYIVHLKRHFMFRNHLCLVFEMLSYNLYDLLRNTNFRGVSLNLTRKFAQQMCTALLFLATPELSIIHCDLKPEN
ILLCNPKRSAIKIVDFGSSCQLGQRIYQ(PTR)IQSRFYRSPEVLLGMPYDLAIDMWSLGCILVEMHTGEPLFSGANEVD
QMNKIVEVLGIPPAHILDQAPKARKFFEKLPDGTWNLKKTKDGKREYKPPGTRKLHNILGVETGGPGGRRAGESGHTVAD
YLKFKDLILRMLDYDPKTRIQPYYALQHSFFKKGAAHHHHHHHH
;
_entity_poly.pdbx_strand_id   A,B
#
# COMPACT_ATOMS: atom_id res chain seq x y z
N VAL A 3 4.15 13.56 -40.46
CA VAL A 3 5.55 14.01 -40.46
C VAL A 3 5.85 15.13 -39.42
N TYR A 4 6.77 14.82 -38.51
CA TYR A 4 7.23 15.78 -37.51
C TYR A 4 8.74 15.88 -37.55
N ASN A 5 9.25 17.12 -37.48
CA ASN A 5 10.68 17.36 -37.42
C ASN A 5 11.38 16.62 -38.57
N ASP A 6 10.82 16.78 -39.78
CA ASP A 6 11.36 16.19 -41.02
C ASP A 6 11.40 14.68 -40.97
N GLY A 7 10.50 14.06 -40.22
CA GLY A 7 10.49 12.61 -40.05
C GLY A 7 11.32 12.07 -38.88
N TYR A 8 12.01 12.94 -38.12
CA TYR A 8 12.87 12.45 -37.05
C TYR A 8 12.16 12.27 -35.72
N ASP A 9 11.01 12.91 -35.51
CA ASP A 9 10.25 12.81 -34.28
C ASP A 9 9.01 11.94 -34.45
N ASP A 10 8.56 11.32 -33.36
CA ASP A 10 7.25 10.68 -33.38
C ASP A 10 6.18 11.75 -33.17
N ASP A 11 4.94 11.36 -32.84
CA ASP A 11 3.89 12.35 -32.66
C ASP A 11 3.84 12.94 -31.26
N ASN A 12 4.80 12.60 -30.40
CA ASN A 12 4.83 13.09 -29.03
C ASN A 12 6.13 13.83 -28.72
N TYR A 13 6.73 14.47 -29.73
CA TYR A 13 7.96 15.28 -29.65
C TYR A 13 9.20 14.49 -29.27
N ASP A 14 9.13 13.16 -29.30
CA ASP A 14 10.28 12.33 -29.02
C ASP A 14 11.04 11.99 -30.30
N TYR A 15 12.37 12.03 -30.22
CA TYR A 15 13.20 11.60 -31.33
C TYR A 15 13.02 10.10 -31.55
N ILE A 16 12.78 9.68 -32.79
CA ILE A 16 12.60 8.25 -33.06
C ILE A 16 13.98 7.61 -33.03
N VAL A 17 14.24 6.82 -32.01
CA VAL A 17 15.56 6.25 -31.78
C VAL A 17 15.74 5.04 -32.70
N LYS A 18 16.88 4.99 -33.39
CA LYS A 18 17.20 3.84 -34.23
C LYS A 18 18.59 3.33 -33.87
N ASN A 19 18.65 2.09 -33.42
CA ASN A 19 19.90 1.53 -32.93
C ASN A 19 20.92 1.47 -34.06
N GLY A 20 22.12 1.97 -33.78
CA GLY A 20 23.19 2.01 -34.75
C GLY A 20 23.40 3.35 -35.41
N GLU A 21 22.46 4.28 -35.29
CA GLU A 21 22.62 5.58 -35.93
C GLU A 21 23.83 6.33 -35.36
N LYS A 22 24.51 7.05 -36.24
CA LYS A 22 25.71 7.78 -35.88
C LYS A 22 25.39 9.27 -35.90
N TRP A 23 25.77 9.98 -34.84
CA TRP A 23 25.55 11.42 -34.74
C TRP A 23 26.87 12.17 -34.80
N MET A 24 26.94 13.21 -35.63
CA MET A 24 28.03 14.19 -35.58
C MET A 24 29.39 13.52 -35.68
N ASP A 25 29.44 12.37 -36.37
CA ASP A 25 30.67 11.59 -36.52
C ASP A 25 31.28 11.20 -35.16
N ARG A 26 30.44 11.05 -34.13
CA ARG A 26 31.01 10.87 -32.80
C ARG A 26 30.25 9.84 -31.97
N TYR A 27 28.93 9.98 -31.87
CA TYR A 27 28.09 9.12 -31.04
C TYR A 27 27.42 8.06 -31.87
N GLU A 28 27.54 6.81 -31.45
CA GLU A 28 26.83 5.70 -32.06
C GLU A 28 25.73 5.28 -31.08
N ILE A 29 24.48 5.53 -31.46
CA ILE A 29 23.35 5.20 -30.61
C ILE A 29 23.21 3.69 -30.51
N ASP A 30 23.21 3.16 -29.29
CA ASP A 30 23.18 1.72 -29.07
C ASP A 30 21.78 1.21 -28.70
N SER A 31 21.08 1.85 -27.77
CA SER A 31 19.83 1.28 -27.27
C SER A 31 19.08 2.29 -26.41
N LEU A 32 17.78 2.04 -26.27
CA LEU A 32 16.96 2.79 -25.35
C LEU A 32 17.12 2.22 -23.95
N ILE A 33 17.41 3.07 -22.97
CA ILE A 33 17.53 2.61 -21.60
C ILE A 33 16.46 3.18 -20.70
N GLY A 34 15.77 4.24 -21.12
CA GLY A 34 14.64 4.73 -20.35
C GLY A 34 13.82 5.78 -21.08
N LYS A 35 12.56 5.87 -20.72
CA LYS A 35 11.66 6.85 -21.30
C LYS A 35 10.96 7.58 -20.16
N GLY A 36 10.84 8.89 -20.29
CA GLY A 36 10.14 9.62 -19.25
C GLY A 36 9.36 10.76 -19.85
N SER A 37 8.78 11.61 -19.00
CA SER A 37 7.98 12.73 -19.49
C SER A 37 8.83 13.81 -20.15
N PHE A 38 10.09 13.95 -19.73
CA PHE A 38 11.03 14.89 -20.35
C PHE A 38 11.42 14.47 -21.78
N GLY A 39 11.31 13.18 -22.10
CA GLY A 39 11.87 12.64 -23.33
C GLY A 39 12.45 11.25 -23.14
N GLN A 40 13.67 11.02 -23.62
CA GLN A 40 14.21 9.67 -23.61
C GLN A 40 15.66 9.66 -23.18
N VAL A 41 16.11 8.49 -22.74
CA VAL A 41 17.51 8.30 -22.42
C VAL A 41 17.99 7.10 -23.24
N VAL A 42 19.11 7.26 -23.95
CA VAL A 42 19.69 6.19 -24.75
C VAL A 42 21.11 5.93 -24.27
N LYS A 43 21.53 4.68 -24.41
CA LYS A 43 22.94 4.32 -24.32
C LYS A 43 23.61 4.55 -25.67
N ALA A 44 24.82 5.09 -25.65
CA ALA A 44 25.51 5.47 -26.87
C ALA A 44 27.00 5.27 -26.67
N TYR A 45 27.70 4.91 -27.76
CA TYR A 45 29.15 4.88 -27.72
C TYR A 45 29.73 6.19 -28.26
N ASP A 46 30.57 6.83 -27.45
CA ASP A 46 31.30 8.04 -27.81
C ASP A 46 32.61 7.58 -28.45
N ARG A 47 32.67 7.61 -29.78
CA ARG A 47 33.83 7.16 -30.54
C ARG A 47 35.07 8.00 -30.27
N VAL A 48 34.90 9.30 -30.01
CA VAL A 48 36.06 10.18 -29.85
C VAL A 48 36.75 9.94 -28.51
N GLU A 49 35.98 9.79 -27.44
CA GLU A 49 36.58 9.52 -26.14
C GLU A 49 36.68 8.03 -25.86
N GLN A 50 36.12 7.18 -26.72
CA GLN A 50 36.18 5.71 -26.59
C GLN A 50 35.55 5.25 -25.28
N GLU A 51 34.29 5.63 -25.08
CA GLU A 51 33.61 5.21 -23.87
C GLU A 51 32.10 5.26 -24.10
N TRP A 52 31.39 4.46 -23.32
CA TRP A 52 29.94 4.49 -23.30
C TRP A 52 29.44 5.75 -22.59
N VAL A 53 28.32 6.29 -23.07
CA VAL A 53 27.65 7.38 -22.40
C VAL A 53 26.15 7.13 -22.40
N ALA A 54 25.45 7.84 -21.51
CA ALA A 54 24.00 7.89 -21.51
C ALA A 54 23.60 9.27 -22.01
N ILE A 55 22.71 9.32 -23.00
CA ILE A 55 22.28 10.59 -23.59
C ILE A 55 20.81 10.76 -23.32
N LYS A 56 20.49 11.82 -22.58
CA LYS A 56 19.11 12.25 -22.37
C LYS A 56 18.70 13.12 -23.56
N ILE A 57 17.69 12.68 -24.31
CA ILE A 57 17.19 13.38 -25.48
C ILE A 57 15.89 14.05 -25.06
N ILE A 58 15.96 15.34 -24.76
CA ILE A 58 14.79 16.11 -24.36
C ILE A 58 13.82 16.24 -25.52
N LYS A 59 12.52 16.14 -25.19
CA LYS A 59 11.46 16.39 -26.14
C LYS A 59 11.66 17.68 -26.92
N ASN A 60 11.33 17.61 -28.20
CA ASN A 60 11.35 18.78 -29.11
C ASN A 60 10.08 19.59 -28.84
N LYS A 61 10.12 20.35 -27.75
CA LYS A 61 8.96 21.10 -27.27
C LYS A 61 9.35 22.08 -26.18
N LYS A 62 8.88 23.33 -26.29
CA LYS A 62 9.51 24.44 -25.59
C LYS A 62 9.54 24.24 -24.07
N ALA A 63 8.45 23.77 -23.46
CA ALA A 63 8.43 23.68 -22.00
C ALA A 63 9.48 22.69 -21.50
N PHE A 64 9.69 21.60 -22.23
CA PHE A 64 10.67 20.62 -21.80
C PHE A 64 12.08 21.10 -22.09
N LEU A 65 12.27 21.75 -23.23
CA LEU A 65 13.54 22.40 -23.52
C LEU A 65 13.93 23.37 -22.41
N ASN A 66 12.98 24.21 -21.97
CA ASN A 66 13.30 25.23 -20.97
C ASN A 66 13.64 24.63 -19.62
N GLN A 67 12.93 23.57 -19.22
CA GLN A 67 13.27 22.95 -17.95
C GLN A 67 14.66 22.31 -18.02
N ALA A 68 14.96 21.64 -19.14
CA ALA A 68 16.26 20.99 -19.30
C ALA A 68 17.37 22.02 -19.41
N GLN A 69 17.06 23.22 -19.90
CA GLN A 69 18.05 24.29 -19.87
C GLN A 69 18.39 24.68 -18.44
N ILE A 70 17.43 24.56 -17.53
CA ILE A 70 17.72 24.77 -16.12
C ILE A 70 18.58 23.63 -15.58
N GLU A 71 18.16 22.39 -15.83
CA GLU A 71 18.97 21.22 -15.51
C GLU A 71 20.43 21.37 -15.94
N VAL A 72 20.65 21.76 -17.21
CA VAL A 72 22.02 21.98 -17.71
C VAL A 72 22.74 23.02 -16.85
N ARG A 73 22.09 24.16 -16.60
CA ARG A 73 22.74 25.19 -15.79
C ARG A 73 23.07 24.68 -14.39
N LEU A 74 22.16 23.94 -13.77
CA LEU A 74 22.47 23.43 -12.43
C LEU A 74 23.62 22.43 -12.49
N LEU A 75 23.65 21.56 -13.50
CA LEU A 75 24.75 20.60 -13.60
C LEU A 75 26.07 21.30 -13.85
N GLU A 76 26.05 22.34 -14.68
CA GLU A 76 27.28 23.09 -14.96
C GLU A 76 27.77 23.82 -13.71
N LEU A 77 26.83 24.39 -12.93
CA LEU A 77 27.19 25.00 -11.65
C LEU A 77 27.84 23.98 -10.73
N MET A 78 27.26 22.78 -10.65
CA MET A 78 27.83 21.75 -9.79
C MET A 78 29.24 21.35 -10.22
N ASN A 79 29.48 21.14 -11.51
CA ASN A 79 30.82 20.65 -11.79
C ASN A 79 31.85 21.78 -11.80
N LYS A 80 31.42 23.04 -11.77
CA LYS A 80 32.31 24.14 -11.42
C LYS A 80 32.78 24.08 -9.96
N HIS A 81 32.02 23.45 -9.06
CA HIS A 81 32.37 23.30 -7.65
C HIS A 81 32.78 21.88 -7.25
N ASP A 82 32.89 20.94 -8.21
CA ASP A 82 33.22 19.56 -7.87
C ASP A 82 34.53 19.11 -8.49
N THR A 83 34.71 19.29 -9.80
CA THR A 83 36.00 19.09 -10.46
C THR A 83 36.52 17.65 -10.35
N GLU A 84 36.71 17.14 -9.13
CA GLU A 84 37.22 15.79 -8.94
C GLU A 84 36.11 14.73 -8.80
N MET A 85 34.84 15.12 -8.88
CA MET A 85 33.71 14.18 -8.87
C MET A 85 33.77 13.25 -7.65
N LYS A 86 33.87 13.86 -6.47
CA LYS A 86 33.97 13.14 -5.21
C LYS A 86 32.73 13.31 -4.34
N TYR A 87 31.64 13.88 -4.86
CA TYR A 87 30.45 14.06 -4.04
C TYR A 87 29.26 13.29 -4.56
N TYR A 88 29.48 12.22 -5.33
CA TYR A 88 28.43 11.25 -5.61
C TYR A 88 27.28 11.83 -6.43
N ILE A 89 27.56 12.86 -7.25
CA ILE A 89 26.60 13.45 -8.18
C ILE A 89 26.98 12.98 -9.58
N VAL A 90 25.97 12.63 -10.39
CA VAL A 90 26.24 12.31 -11.78
C VAL A 90 26.94 13.49 -12.43
N HIS A 91 27.82 13.19 -13.37
CA HIS A 91 28.57 14.21 -14.08
C HIS A 91 27.96 14.43 -15.46
N LEU A 92 27.63 15.68 -15.79
CA LEU A 92 27.26 16.06 -17.14
C LEU A 92 28.53 16.16 -17.97
N LYS A 93 28.68 15.27 -18.95
CA LYS A 93 29.86 15.34 -19.82
C LYS A 93 29.72 16.38 -20.92
N ARG A 94 28.51 16.61 -21.41
CA ARG A 94 28.34 17.51 -22.54
C ARG A 94 26.86 17.74 -22.73
N HIS A 95 26.52 18.88 -23.32
CA HIS A 95 25.18 19.10 -23.84
C HIS A 95 25.27 19.74 -25.20
N PHE A 96 24.31 19.42 -26.07
CA PHE A 96 24.26 20.02 -27.40
C PHE A 96 22.85 19.87 -27.96
N MET A 97 22.54 20.70 -28.96
CA MET A 97 21.34 20.54 -29.77
C MET A 97 21.65 19.62 -30.96
N PHE A 98 20.74 18.68 -31.21
CA PHE A 98 20.84 17.78 -32.36
C PHE A 98 19.44 17.62 -32.92
N ARG A 99 19.22 18.10 -34.15
CA ARG A 99 17.93 17.99 -34.83
C ARG A 99 16.78 18.45 -33.93
N ASN A 100 16.96 19.62 -33.31
CA ASN A 100 15.94 20.29 -32.51
C ASN A 100 15.62 19.56 -31.21
N HIS A 101 16.56 18.78 -30.70
CA HIS A 101 16.45 18.18 -29.38
C HIS A 101 17.67 18.62 -28.55
N LEU A 102 17.42 19.18 -27.38
CA LEU A 102 18.49 19.35 -26.40
C LEU A 102 18.92 17.97 -25.91
N CYS A 103 20.22 17.69 -25.97
CA CYS A 103 20.77 16.41 -25.58
C CYS A 103 21.74 16.62 -24.43
N LEU A 104 21.64 15.78 -23.40
CA LEU A 104 22.50 15.83 -22.23
C LEU A 104 23.27 14.53 -22.15
N VAL A 105 24.59 14.62 -22.25
CA VAL A 105 25.48 13.46 -22.22
C VAL A 105 25.99 13.29 -20.81
N PHE A 106 25.73 12.13 -20.21
CA PHE A 106 26.17 11.79 -18.88
C PHE A 106 27.10 10.58 -18.93
N GLU A 107 27.89 10.45 -17.87
CA GLU A 107 28.66 9.23 -17.67
C GLU A 107 27.73 8.04 -17.63
N MET A 108 28.20 6.92 -18.14
CA MET A 108 27.43 5.70 -18.05
C MET A 108 27.60 5.12 -16.65
N LEU A 109 26.51 4.66 -16.07
CA LEU A 109 26.54 4.07 -14.73
C LEU A 109 25.82 2.73 -14.77
N SER A 110 25.93 2.00 -13.66
CA SER A 110 25.28 0.70 -13.54
C SER A 110 23.80 0.86 -13.19
N TYR A 111 23.18 -0.17 -12.62
CA TYR A 111 21.74 -0.07 -12.42
C TYR A 111 21.42 0.77 -11.17
N ASN A 112 20.14 1.03 -10.96
CA ASN A 112 19.69 1.89 -9.89
C ASN A 112 19.31 1.07 -8.65
N LEU A 113 19.09 1.77 -7.53
CA LEU A 113 18.90 1.09 -6.27
C LEU A 113 17.60 0.29 -6.24
N TYR A 114 16.60 0.69 -7.02
CA TYR A 114 15.42 -0.15 -7.13
C TYR A 114 15.72 -1.47 -7.83
N ASP A 115 16.53 -1.46 -8.91
CA ASP A 115 16.89 -2.74 -9.54
C ASP A 115 17.61 -3.64 -8.54
N LEU A 116 18.52 -3.05 -7.75
CA LEU A 116 19.18 -3.82 -6.70
C LEU A 116 18.18 -4.45 -5.74
N LEU A 117 17.15 -3.71 -5.34
CA LEU A 117 16.13 -4.26 -4.45
C LEU A 117 15.37 -5.39 -5.12
N ARG A 118 14.98 -5.21 -6.39
CA ARG A 118 14.29 -6.27 -7.10
C ARG A 118 15.16 -7.50 -7.25
N ASN A 119 16.49 -7.31 -7.40
CA ASN A 119 17.41 -8.44 -7.48
C ASN A 119 17.53 -9.19 -6.15
N THR A 120 17.25 -8.55 -5.01
CA THR A 120 17.16 -9.26 -3.72
C THR A 120 15.78 -9.85 -3.48
N ASN A 121 14.93 -9.88 -4.50
CA ASN A 121 13.48 -10.11 -4.38
C ASN A 121 12.85 -9.36 -3.20
N PHE A 122 13.25 -8.10 -3.03
CA PHE A 122 12.68 -7.22 -2.02
C PHE A 122 12.85 -7.76 -0.60
N ARG A 123 13.90 -8.58 -0.39
CA ARG A 123 14.34 -8.85 0.96
C ARG A 123 15.09 -7.67 1.58
N GLY A 124 15.57 -6.75 0.75
CA GLY A 124 16.40 -5.65 1.20
C GLY A 124 17.87 -6.04 1.22
N VAL A 125 18.72 -5.01 1.24
CA VAL A 125 20.14 -5.22 1.39
C VAL A 125 20.49 -5.07 2.86
N SER A 126 21.70 -5.50 3.21
CA SER A 126 22.18 -5.47 4.59
C SER A 126 22.24 -4.03 5.13
N LEU A 127 22.20 -3.94 6.46
CA LEU A 127 22.36 -2.64 7.11
C LEU A 127 23.75 -2.08 6.89
N ASN A 128 24.75 -2.94 6.65
CA ASN A 128 26.09 -2.44 6.36
C ASN A 128 26.13 -1.74 5.01
N LEU A 129 25.50 -2.32 3.99
CA LEU A 129 25.46 -1.64 2.70
C LEU A 129 24.55 -0.41 2.77
N THR A 130 23.42 -0.51 3.47
CA THR A 130 22.56 0.66 3.74
C THR A 130 23.36 1.80 4.38
N ARG A 131 24.26 1.47 5.32
CA ARG A 131 25.09 2.50 5.97
C ARG A 131 25.99 3.19 4.95
N LYS A 132 26.63 2.43 4.08
CA LYS A 132 27.49 3.01 3.06
C LYS A 132 26.72 3.92 2.11
N PHE A 133 25.57 3.45 1.61
CA PHE A 133 24.72 4.29 0.77
C PHE A 133 24.33 5.56 1.52
N ALA A 134 23.91 5.41 2.78
CA ALA A 134 23.47 6.57 3.56
C ALA A 134 24.60 7.59 3.69
N GLN A 135 25.82 7.10 3.92
CA GLN A 135 26.95 8.00 4.12
C GLN A 135 27.29 8.75 2.84
N GLN A 136 27.23 8.07 1.68
CA GLN A 136 27.48 8.74 0.41
C GLN A 136 26.37 9.71 0.06
N MET A 137 25.11 9.36 0.34
CA MET A 137 24.00 10.26 0.03
C MET A 137 24.05 11.53 0.89
N CYS A 138 24.31 11.36 2.20
CA CYS A 138 24.46 12.55 3.06
C CYS A 138 25.62 13.42 2.59
N THR A 139 26.70 12.81 2.11
CA THR A 139 27.77 13.63 1.54
C THR A 139 27.29 14.35 0.28
N ALA A 140 26.53 13.66 -0.58
CA ALA A 140 26.00 14.33 -1.77
C ALA A 140 25.10 15.50 -1.39
N LEU A 141 24.26 15.30 -0.38
CA LEU A 141 23.37 16.39 0.05
C LEU A 141 24.15 17.56 0.66
N LEU A 142 25.23 17.26 1.41
CA LEU A 142 26.09 18.34 1.91
C LEU A 142 26.64 19.17 0.76
N PHE A 143 27.06 18.51 -0.33
CA PHE A 143 27.55 19.22 -1.50
C PHE A 143 26.45 20.09 -2.13
N LEU A 144 25.24 19.56 -2.24
CA LEU A 144 24.11 20.35 -2.75
C LEU A 144 23.82 21.56 -1.85
N ALA A 145 24.08 21.46 -0.55
CA ALA A 145 23.78 22.53 0.40
C ALA A 145 24.84 23.63 0.45
N THR A 146 26.00 23.43 -0.20
CA THR A 146 27.01 24.45 -0.43
C THR A 146 26.27 25.74 -0.81
N PRO A 147 26.56 26.87 -0.13
CA PRO A 147 25.73 28.07 -0.32
C PRO A 147 25.60 28.56 -1.75
N GLU A 148 26.70 28.60 -2.52
CA GLU A 148 26.61 28.96 -3.94
C GLU A 148 25.70 28.03 -4.74
N LEU A 149 25.58 26.76 -4.34
CA LEU A 149 24.71 25.84 -5.06
C LEU A 149 23.28 25.95 -4.54
N SER A 150 23.05 25.51 -3.31
CA SER A 150 21.72 25.49 -2.68
C SER A 150 20.70 24.82 -3.60
N ILE A 151 21.08 23.65 -4.10
CA ILE A 151 20.27 22.90 -5.04
C ILE A 151 19.37 21.92 -4.29
N ILE A 152 18.08 21.98 -4.57
CA ILE A 152 17.10 20.97 -4.15
C ILE A 152 16.94 20.00 -5.32
N HIS A 153 17.19 18.72 -5.07
CA HIS A 153 17.04 17.75 -6.15
C HIS A 153 15.57 17.60 -6.53
N CYS A 154 14.70 17.43 -5.54
CA CYS A 154 13.23 17.36 -5.63
C CYS A 154 12.70 16.04 -6.14
N ASP A 155 13.54 15.03 -6.38
CA ASP A 155 12.99 13.77 -6.85
C ASP A 155 13.89 12.62 -6.44
N LEU A 156 14.39 12.67 -5.21
CA LEU A 156 15.19 11.55 -4.71
C LEU A 156 14.31 10.33 -4.51
N LYS A 157 14.74 9.20 -5.06
CA LYS A 157 14.06 7.92 -4.93
C LYS A 157 15.07 6.86 -5.33
N PRO A 158 14.78 5.57 -5.07
CA PRO A 158 15.76 4.55 -5.44
C PRO A 158 16.15 4.56 -6.92
N GLU A 159 15.20 4.82 -7.83
CA GLU A 159 15.49 4.86 -9.26
C GLU A 159 16.46 5.98 -9.64
N ASN A 160 16.58 7.05 -8.84
CA ASN A 160 17.50 8.15 -9.14
C ASN A 160 18.83 8.03 -8.41
N ILE A 161 19.13 6.86 -7.87
CA ILE A 161 20.43 6.58 -7.28
C ILE A 161 20.98 5.36 -7.99
N LEU A 162 22.11 5.52 -8.67
CA LEU A 162 22.66 4.46 -9.51
C LEU A 162 23.94 3.91 -8.90
N LEU A 163 24.12 2.59 -8.98
CA LEU A 163 25.44 2.03 -8.71
C LEU A 163 26.43 2.46 -9.77
N CYS A 164 27.66 2.79 -9.34
CA CYS A 164 28.72 3.13 -10.27
C CYS A 164 29.17 1.91 -11.06
N ASN A 165 29.38 0.80 -10.35
CA ASN A 165 29.74 -0.48 -10.92
C ASN A 165 28.88 -1.54 -10.24
N PRO A 166 28.44 -2.56 -10.99
CA PRO A 166 27.52 -3.55 -10.40
C PRO A 166 28.09 -4.29 -9.19
N LYS A 167 29.41 -4.27 -9.00
CA LYS A 167 30.07 -4.97 -7.89
C LYS A 167 30.35 -4.06 -6.70
N ARG A 168 30.59 -2.78 -6.92
CA ARG A 168 31.01 -1.90 -5.85
C ARG A 168 29.79 -1.24 -5.17
N SER A 169 30.05 -0.62 -4.02
CA SER A 169 29.00 0.05 -3.27
C SER A 169 28.88 1.53 -3.63
N ALA A 170 29.81 2.08 -4.40
CA ALA A 170 29.74 3.49 -4.77
C ALA A 170 28.46 3.79 -5.57
N ILE A 171 27.87 4.97 -5.30
CA ILE A 171 26.61 5.37 -5.92
C ILE A 171 26.74 6.79 -6.45
N LYS A 172 25.78 7.18 -7.28
CA LYS A 172 25.63 8.55 -7.74
C LYS A 172 24.16 8.89 -7.88
N ILE A 173 23.82 10.11 -7.46
CA ILE A 173 22.53 10.70 -7.69
C ILE A 173 22.45 11.15 -9.15
N VAL A 174 21.39 10.77 -9.84
CA VAL A 174 21.16 11.19 -11.22
C VAL A 174 19.88 11.97 -11.28
N ASP A 175 19.65 12.54 -12.47
CA ASP A 175 18.39 13.14 -12.89
C ASP A 175 18.00 14.35 -12.05
N PHE A 176 18.63 15.47 -12.37
CA PHE A 176 18.30 16.78 -11.84
C PHE A 176 17.30 17.51 -12.72
N GLY A 177 16.48 16.77 -13.47
CA GLY A 177 15.49 17.33 -14.38
C GLY A 177 14.38 18.11 -13.70
N SER A 178 14.13 17.86 -12.42
CA SER A 178 13.16 18.64 -11.63
C SER A 178 13.83 19.55 -10.60
N SER A 179 15.15 19.63 -10.58
CA SER A 179 15.82 20.32 -9.49
C SER A 179 15.69 21.82 -9.64
N CYS A 180 15.88 22.52 -8.52
CA CYS A 180 15.92 23.98 -8.53
C CYS A 180 16.85 24.46 -7.45
N GLN A 181 17.38 25.66 -7.63
CA GLN A 181 18.02 26.35 -6.53
C GLN A 181 16.98 26.90 -5.57
N LEU A 182 17.38 27.06 -4.31
CA LEU A 182 16.47 27.53 -3.26
C LEU A 182 15.85 28.88 -3.62
N GLY A 183 16.58 29.74 -4.29
CA GLY A 183 16.00 31.00 -4.70
C GLY A 183 15.11 30.98 -5.93
N GLN A 184 14.83 29.81 -6.52
CA GLN A 184 14.13 29.74 -7.81
C GLN A 184 13.19 28.54 -7.87
N ARG A 185 12.36 28.37 -6.83
CA ARG A 185 11.34 27.33 -6.87
C ARG A 185 10.17 27.73 -7.74
N ILE A 186 9.62 26.76 -8.48
CA ILE A 186 8.61 27.05 -9.50
C ILE A 186 7.51 26.00 -9.54
N TYR A 187 7.73 24.82 -8.98
CA TYR A 187 6.69 23.79 -8.95
C TYR A 187 6.25 23.53 -7.51
N GLN A 188 5.02 23.02 -7.37
CA GLN A 188 4.44 22.71 -6.07
C GLN A 188 4.11 21.25 -5.93
N ILE A 190 5.69 18.28 -6.39
CA ILE A 190 7.02 17.72 -6.61
C ILE A 190 7.29 16.51 -5.73
N GLN A 191 8.41 15.83 -6.03
CA GLN A 191 8.82 14.56 -5.41
C GLN A 191 7.88 13.42 -5.83
N SER A 192 8.42 12.23 -6.03
CA SER A 192 7.56 11.08 -6.23
C SER A 192 6.87 10.73 -4.91
N ARG A 193 5.64 10.23 -5.00
CA ARG A 193 4.72 10.32 -3.86
C ARG A 193 5.26 9.62 -2.61
N PHE A 194 5.82 8.42 -2.75
CA PHE A 194 6.28 7.68 -1.57
C PHE A 194 7.36 8.43 -0.80
N TYR A 195 8.08 9.35 -1.47
CA TYR A 195 9.25 10.04 -0.95
C TYR A 195 8.97 11.52 -0.76
N ARG A 196 7.69 11.90 -0.74
CA ARG A 196 7.30 13.30 -0.71
C ARG A 196 7.19 13.79 0.72
N SER A 197 7.76 14.94 0.97
CA SER A 197 7.90 15.53 2.29
C SER A 197 6.55 16.08 2.78
N PRO A 198 6.37 16.12 4.10
CA PRO A 198 5.13 16.68 4.65
C PRO A 198 4.92 18.12 4.22
N GLU A 199 5.99 18.92 4.14
CA GLU A 199 5.81 20.32 3.78
C GLU A 199 5.35 20.48 2.34
N VAL A 200 5.75 19.56 1.44
CA VAL A 200 5.25 19.58 0.07
C VAL A 200 3.79 19.09 0.04
N LEU A 201 3.50 17.99 0.73
CA LEU A 201 2.11 17.55 0.87
C LEU A 201 1.20 18.65 1.42
N LEU A 202 1.74 19.53 2.24
CA LEU A 202 0.96 20.55 2.94
C LEU A 202 0.93 21.89 2.21
N GLY A 203 1.49 21.97 1.00
CA GLY A 203 1.42 23.20 0.24
C GLY A 203 2.25 24.32 0.82
N MET A 204 3.23 24.01 1.69
CA MET A 204 4.07 24.98 2.37
C MET A 204 5.30 25.28 1.53
N PRO A 205 5.94 26.43 1.71
CA PRO A 205 7.24 26.65 1.05
C PRO A 205 8.23 25.57 1.48
N TYR A 206 9.12 25.20 0.56
CA TYR A 206 10.04 24.11 0.84
C TYR A 206 11.46 24.55 0.54
N ASP A 207 12.41 23.84 1.14
CA ASP A 207 13.84 24.09 0.91
C ASP A 207 14.52 22.73 0.78
N LEU A 208 15.84 22.71 0.96
CA LEU A 208 16.64 21.52 0.76
C LEU A 208 16.31 20.41 1.73
N ALA A 209 15.62 20.71 2.84
CA ALA A 209 15.29 19.65 3.78
C ALA A 209 14.39 18.58 3.17
N ILE A 210 13.67 18.88 2.08
CA ILE A 210 12.78 17.85 1.51
C ILE A 210 13.58 16.68 0.94
N ASP A 211 14.84 16.89 0.55
CA ASP A 211 15.62 15.77 0.03
C ASP A 211 16.02 14.84 1.16
N MET A 212 16.31 15.42 2.33
CA MET A 212 16.61 14.64 3.54
C MET A 212 15.44 13.77 3.94
N TRP A 213 14.21 14.29 3.81
CA TRP A 213 13.03 13.44 4.04
C TRP A 213 13.01 12.26 3.09
N SER A 214 13.20 12.51 1.79
CA SER A 214 13.24 11.42 0.82
C SER A 214 14.32 10.41 1.22
N LEU A 215 15.50 10.92 1.60
CA LEU A 215 16.60 10.02 1.93
C LEU A 215 16.21 9.09 3.07
N GLY A 216 15.65 9.65 4.16
CA GLY A 216 15.17 8.81 5.25
C GLY A 216 14.23 7.71 4.80
N CYS A 217 13.24 8.04 3.95
CA CYS A 217 12.35 7.02 3.39
C CYS A 217 13.10 5.99 2.55
N ILE A 218 14.04 6.48 1.72
CA ILE A 218 14.82 5.59 0.85
C ILE A 218 15.64 4.59 1.66
N LEU A 219 16.29 5.06 2.73
CA LEU A 219 17.21 4.20 3.47
C LEU A 219 16.47 3.08 4.19
N VAL A 220 15.28 3.37 4.74
CA VAL A 220 14.46 2.32 5.34
C VAL A 220 14.08 1.29 4.27
N GLU A 221 13.59 1.77 3.12
CA GLU A 221 13.19 0.84 2.06
C GLU A 221 14.37 -0.01 1.60
N MET A 222 15.58 0.58 1.56
CA MET A 222 16.73 -0.19 1.09
C MET A 222 17.02 -1.38 2.01
N HIS A 223 16.78 -1.23 3.31
CA HIS A 223 17.03 -2.31 4.26
C HIS A 223 15.83 -3.23 4.42
N THR A 224 14.59 -2.73 4.31
CA THR A 224 13.45 -3.63 4.45
C THR A 224 13.02 -4.22 3.12
N GLY A 225 13.40 -3.60 2.00
CA GLY A 225 12.91 -4.03 0.70
C GLY A 225 11.59 -3.42 0.29
N GLU A 226 10.91 -2.69 1.18
CA GLU A 226 9.58 -2.16 0.86
C GLU A 226 9.51 -0.66 1.18
N PRO A 227 8.75 0.10 0.40
CA PRO A 227 8.57 1.53 0.71
C PRO A 227 8.05 1.67 2.13
N LEU A 228 8.52 2.72 2.81
CA LEU A 228 8.06 3.01 4.16
C LEU A 228 6.64 3.58 4.15
N PHE A 229 6.38 4.55 3.27
CA PHE A 229 5.12 5.27 3.17
C PHE A 229 4.65 5.11 1.72
N SER A 230 3.92 4.03 1.43
CA SER A 230 3.49 3.72 0.07
C SER A 230 2.03 4.16 -0.15
N GLY A 231 1.81 5.47 -0.10
CA GLY A 231 0.49 6.02 -0.33
C GLY A 231 0.07 5.95 -1.80
N ALA A 232 -1.21 5.64 -2.02
CA ALA A 232 -1.77 5.56 -3.36
C ALA A 232 -2.18 6.91 -3.92
N ASN A 233 -2.28 7.92 -3.05
CA ASN A 233 -2.67 9.28 -3.39
C ASN A 233 -2.26 10.15 -2.21
N GLU A 234 -2.47 11.45 -2.34
CA GLU A 234 -1.89 12.37 -1.37
C GLU A 234 -2.49 12.17 0.02
N VAL A 235 -3.79 11.86 0.10
CA VAL A 235 -4.42 11.70 1.41
C VAL A 235 -3.92 10.44 2.10
N ASP A 236 -3.83 9.34 1.34
CA ASP A 236 -3.30 8.07 1.83
C ASP A 236 -1.83 8.21 2.29
N GLN A 237 -1.02 8.93 1.51
CA GLN A 237 0.39 9.16 1.83
C GLN A 237 0.54 9.85 3.20
N MET A 238 -0.14 10.97 3.42
CA MET A 238 -0.07 11.63 4.73
C MET A 238 -0.53 10.72 5.86
N ASN A 239 -1.56 9.90 5.62
CA ASN A 239 -2.06 9.02 6.66
C ASN A 239 -1.06 7.92 6.98
N LYS A 240 -0.35 7.42 5.97
CA LYS A 240 0.68 6.43 6.26
C LYS A 240 1.84 7.07 7.02
N ILE A 241 2.19 8.31 6.68
CA ILE A 241 3.16 9.07 7.46
C ILE A 241 2.71 9.18 8.92
N VAL A 242 1.45 9.58 9.13
CA VAL A 242 0.93 9.83 10.47
C VAL A 242 0.88 8.54 11.29
N GLU A 243 0.56 7.42 10.63
CA GLU A 243 0.60 6.11 11.29
C GLU A 243 1.93 5.88 12.02
N VAL A 244 3.04 6.25 11.40
CA VAL A 244 4.35 6.01 11.98
C VAL A 244 4.77 7.16 12.88
N LEU A 245 4.54 8.40 12.45
CA LEU A 245 5.18 9.54 13.06
C LEU A 245 4.26 10.40 13.91
N GLY A 246 2.96 10.12 13.93
CA GLY A 246 2.03 10.92 14.73
C GLY A 246 1.55 12.15 13.98
N ILE A 247 0.81 12.99 14.70
CA ILE A 247 0.24 14.20 14.13
C ILE A 247 1.33 15.28 14.07
N PRO A 248 1.42 16.05 12.99
CA PRO A 248 2.44 17.09 12.91
C PRO A 248 2.24 18.13 13.99
N PRO A 249 3.32 18.80 14.40
CA PRO A 249 3.19 19.87 15.41
C PRO A 249 2.21 20.97 15.00
N ALA A 250 1.45 21.44 15.98
CA ALA A 250 0.44 22.47 15.72
C ALA A 250 1.06 23.69 15.08
N HIS A 251 2.28 24.05 15.51
CA HIS A 251 2.89 25.22 14.93
C HIS A 251 3.22 25.02 13.45
N ILE A 252 3.24 23.78 12.98
CA ILE A 252 3.36 23.51 11.54
C ILE A 252 2.00 23.63 10.86
N LEU A 253 0.99 22.94 11.39
CA LEU A 253 -0.29 22.92 10.71
C LEU A 253 -0.96 24.30 10.69
N ASP A 254 -0.79 25.09 11.75
CA ASP A 254 -1.29 26.47 11.78
C ASP A 254 -0.69 27.35 10.68
N GLN A 255 0.38 26.91 10.01
CA GLN A 255 0.91 27.64 8.86
C GLN A 255 0.70 26.89 7.55
N ALA A 256 -0.18 25.89 7.52
CA ALA A 256 -0.17 24.93 6.41
C ALA A 256 -1.33 25.18 5.46
N PRO A 257 -1.07 25.69 4.25
CA PRO A 257 -2.18 25.96 3.30
C PRO A 257 -3.12 24.78 3.06
N LYS A 258 -2.63 23.54 3.16
CA LYS A 258 -3.48 22.37 2.90
C LYS A 258 -3.74 21.55 4.16
N ALA A 259 -3.49 22.13 5.34
CA ALA A 259 -3.73 21.47 6.62
C ALA A 259 -5.07 20.75 6.66
N ARG A 260 -6.12 21.42 6.19
CA ARG A 260 -7.47 20.89 6.26
C ARG A 260 -7.78 19.90 5.15
N LYS A 261 -6.83 19.62 4.27
CA LYS A 261 -6.98 18.47 3.38
C LYS A 261 -6.82 17.15 4.13
N PHE A 262 -6.20 17.16 5.31
CA PHE A 262 -5.87 15.91 5.99
C PHE A 262 -6.34 15.92 7.43
N PHE A 263 -6.32 17.09 8.06
CA PHE A 263 -6.52 17.24 9.49
C PHE A 263 -7.67 18.22 9.75
N GLU A 264 -8.23 18.14 10.96
CA GLU A 264 -9.22 19.08 11.45
C GLU A 264 -8.72 19.72 12.74
N LYS A 265 -8.99 21.00 12.91
CA LYS A 265 -8.66 21.71 14.14
C LYS A 265 -9.84 21.58 15.12
N LEU A 266 -9.57 21.07 16.31
CA LEU A 266 -10.59 20.99 17.34
C LEU A 266 -10.76 22.36 17.99
N PRO A 267 -11.96 22.68 18.53
CA PRO A 267 -12.24 24.06 18.97
C PRO A 267 -11.21 24.59 19.96
N ASP A 268 -10.55 23.66 20.64
CA ASP A 268 -9.56 23.95 21.67
C ASP A 268 -8.13 24.00 21.14
N GLY A 269 -7.95 24.13 19.81
CA GLY A 269 -6.65 24.40 19.22
C GLY A 269 -5.84 23.19 18.79
N THR A 270 -6.21 21.98 19.24
CA THR A 270 -5.41 20.79 18.98
C THR A 270 -5.90 20.08 17.72
N TRP A 271 -4.96 19.70 16.87
CA TRP A 271 -5.28 19.10 15.57
C TRP A 271 -5.42 17.58 15.66
N ASN A 272 -6.36 17.05 14.89
CA ASN A 272 -6.60 15.63 14.77
C ASN A 272 -6.74 15.31 13.29
N LEU A 273 -6.71 14.02 12.97
CA LEU A 273 -6.97 13.61 11.61
C LEU A 273 -8.46 13.77 11.29
N LYS A 274 -8.74 14.11 10.03
CA LYS A 274 -10.09 14.00 9.51
C LYS A 274 -10.52 12.54 9.55
N LYS A 275 -11.72 12.29 10.06
CA LYS A 275 -12.18 10.93 10.30
C LYS A 275 -12.47 10.20 9.00
N THR A 276 -12.08 8.93 8.95
CA THR A 276 -12.41 8.07 7.82
C THR A 276 -13.92 7.81 7.75
N LYS A 277 -14.37 7.41 6.56
CA LYS A 277 -15.81 7.32 6.27
C LYS A 277 -16.45 6.15 7.02
N ASP A 278 -17.61 6.42 7.61
CA ASP A 278 -18.37 5.49 8.47
C ASP A 278 -18.28 4.04 8.00
N GLY A 279 -17.70 3.17 8.84
CA GLY A 279 -17.72 1.74 8.63
C GLY A 279 -16.52 1.16 7.91
N LYS A 280 -15.60 1.97 7.41
CA LYS A 280 -14.40 1.43 6.79
C LYS A 280 -13.27 1.36 7.81
N ARG A 281 -12.43 0.34 7.64
CA ARG A 281 -11.30 0.11 8.52
C ARG A 281 -10.46 1.38 8.64
N GLU A 282 -10.12 1.74 9.87
CA GLU A 282 -9.34 2.93 10.13
C GLU A 282 -7.86 2.66 9.90
N TYR A 283 -7.13 3.72 9.62
CA TYR A 283 -5.68 3.66 9.70
C TYR A 283 -5.29 3.36 11.15
N LYS A 284 -4.09 2.82 11.32
CA LYS A 284 -3.59 2.61 12.66
C LYS A 284 -3.46 3.96 13.37
N PRO A 285 -3.71 3.99 14.68
CA PRO A 285 -3.75 5.27 15.39
C PRO A 285 -2.44 6.00 15.27
N PRO A 286 -2.47 7.33 15.33
CA PRO A 286 -1.26 8.11 15.08
C PRO A 286 -0.09 7.69 15.94
N GLY A 287 1.06 7.50 15.28
CA GLY A 287 2.30 7.15 15.96
C GLY A 287 2.43 5.74 16.46
N THR A 288 1.48 4.84 16.18
CA THR A 288 1.51 3.48 16.69
C THR A 288 2.07 2.45 15.70
N ARG A 289 2.37 2.84 14.45
CA ARG A 289 3.12 1.94 13.56
C ARG A 289 4.59 2.27 13.78
N LYS A 290 5.21 1.60 14.76
CA LYS A 290 6.52 2.03 15.26
C LYS A 290 7.64 1.68 14.28
N LEU A 291 8.45 2.68 13.94
CA LEU A 291 9.68 2.41 13.20
C LEU A 291 10.52 1.32 13.86
N HIS A 292 10.51 1.29 15.20
CA HIS A 292 11.13 0.22 15.99
C HIS A 292 10.71 -1.16 15.54
N ASN A 293 9.44 -1.34 15.20
CA ASN A 293 9.05 -2.69 14.78
C ASN A 293 9.17 -2.92 13.28
N ILE A 294 9.10 -1.85 12.48
CA ILE A 294 9.35 -1.98 11.04
C ILE A 294 10.78 -2.45 10.79
N LEU A 295 11.75 -1.86 11.49
CA LEU A 295 13.14 -2.26 11.36
C LEU A 295 13.43 -3.60 12.01
N GLY A 296 12.55 -4.09 12.91
CA GLY A 296 12.82 -5.28 13.69
C GLY A 296 14.00 -5.10 14.63
N VAL A 297 14.04 -3.97 15.35
CA VAL A 297 15.22 -3.58 16.12
C VAL A 297 15.65 -4.69 17.08
N GLU A 298 14.69 -5.38 17.70
CA GLU A 298 14.98 -6.37 18.73
C GLU A 298 14.73 -7.79 18.25
N THR A 299 14.29 -7.97 17.02
CA THR A 299 13.88 -9.29 16.58
C THR A 299 14.67 -9.75 15.36
N GLY A 300 15.91 -9.31 15.22
CA GLY A 300 16.73 -9.76 14.11
C GLY A 300 16.49 -9.04 12.80
N GLY A 301 16.06 -7.78 12.84
CA GLY A 301 15.88 -6.99 11.64
C GLY A 301 14.74 -7.47 10.76
N PRO A 302 14.59 -6.87 9.59
CA PRO A 302 13.52 -7.26 8.68
C PRO A 302 13.55 -8.74 8.35
N GLY A 303 12.39 -9.39 8.49
CA GLY A 303 12.23 -10.83 8.34
C GLY A 303 12.91 -11.70 9.38
N GLY A 304 13.52 -11.08 10.39
CA GLY A 304 14.30 -11.81 11.38
C GLY A 304 15.54 -12.45 10.81
N ARG A 305 15.96 -11.98 9.63
CA ARG A 305 17.04 -12.57 8.85
C ARG A 305 18.44 -12.19 9.33
N ARG A 306 18.56 -11.24 10.26
CA ARG A 306 19.86 -10.64 10.57
C ARG A 306 20.39 -11.00 11.94
N ALA A 307 19.75 -11.92 12.65
CA ALA A 307 20.20 -12.35 13.96
C ALA A 307 21.66 -12.80 13.90
N GLY A 308 22.49 -12.20 14.74
CA GLY A 308 23.90 -12.53 14.83
C GLY A 308 24.76 -11.97 13.72
N GLU A 309 24.19 -11.18 12.81
CA GLU A 309 24.96 -10.61 11.73
C GLU A 309 25.69 -9.36 12.23
N SER A 310 26.96 -9.24 11.86
CA SER A 310 27.73 -8.04 12.20
C SER A 310 27.11 -6.77 11.63
N GLY A 311 27.25 -5.68 12.38
CA GLY A 311 26.64 -4.42 12.01
C GLY A 311 25.13 -4.36 12.15
N HIS A 312 24.51 -5.42 12.68
CA HIS A 312 23.07 -5.52 12.91
C HIS A 312 22.75 -5.82 14.38
N THR A 313 23.58 -5.36 15.32
CA THR A 313 23.21 -5.54 16.73
C THR A 313 22.04 -4.63 17.07
N VAL A 314 21.38 -4.91 18.19
CA VAL A 314 20.33 -4.03 18.65
C VAL A 314 20.84 -2.59 18.72
N ALA A 315 22.07 -2.40 19.21
CA ALA A 315 22.66 -1.06 19.28
C ALA A 315 22.77 -0.43 17.89
N ASP A 316 23.18 -1.21 16.88
CA ASP A 316 23.24 -0.72 15.51
C ASP A 316 21.85 -0.33 15.00
N TYR A 317 20.86 -1.17 15.22
CA TYR A 317 19.50 -0.86 14.80
C TYR A 317 18.97 0.37 15.51
N LEU A 318 19.32 0.57 16.79
CA LEU A 318 18.86 1.74 17.53
C LEU A 318 19.50 3.00 16.98
N LYS A 319 20.78 2.94 16.60
CA LYS A 319 21.41 4.09 15.98
C LYS A 319 20.75 4.42 14.63
N PHE A 320 20.52 3.40 13.80
CA PHE A 320 19.88 3.61 12.50
C PHE A 320 18.50 4.24 12.70
N LYS A 321 17.69 3.65 13.57
CA LYS A 321 16.37 4.18 13.90
C LYS A 321 16.44 5.64 14.31
N ASP A 322 17.43 6.00 15.14
CA ASP A 322 17.52 7.39 15.58
C ASP A 322 17.84 8.32 14.41
N LEU A 323 18.76 7.92 13.53
CA LEU A 323 19.09 8.76 12.38
C LEU A 323 17.88 8.95 11.48
N ILE A 324 17.14 7.87 11.23
CA ILE A 324 15.95 7.94 10.41
C ILE A 324 14.94 8.93 11.00
N LEU A 325 14.69 8.84 12.32
CA LEU A 325 13.73 9.75 12.94
C LEU A 325 14.21 11.19 12.86
N ARG A 326 15.52 11.43 12.94
CA ARG A 326 16.04 12.77 12.72
C ARG A 326 15.80 13.23 11.27
N MET A 327 15.86 12.31 10.31
CA MET A 327 15.62 12.62 8.90
C MET A 327 14.14 12.82 8.62
N LEU A 328 13.28 12.18 9.42
CA LEU A 328 11.82 12.22 9.24
C LEU A 328 11.15 13.19 10.22
N ASP A 329 11.90 14.14 10.74
CA ASP A 329 11.36 15.23 11.54
C ASP A 329 10.35 16.04 10.71
N TYR A 330 9.16 16.26 11.27
CA TYR A 330 8.14 17.05 10.57
C TYR A 330 8.58 18.48 10.32
N ASP A 331 9.48 19.00 11.16
CA ASP A 331 9.84 20.41 11.10
C ASP A 331 11.05 20.58 10.21
N PRO A 332 10.93 21.21 9.04
CA PRO A 332 12.08 21.33 8.14
C PRO A 332 13.20 22.18 8.71
N LYS A 333 12.93 23.00 9.74
CA LYS A 333 13.99 23.75 10.41
C LYS A 333 14.82 22.88 11.34
N THR A 334 14.23 21.85 11.94
CA THR A 334 14.96 21.03 12.89
C THR A 334 15.38 19.67 12.34
N ARG A 335 14.73 19.20 11.26
CA ARG A 335 15.18 18.02 10.52
C ARG A 335 16.69 18.01 10.36
N ILE A 336 17.29 16.84 10.56
CA ILE A 336 18.75 16.79 10.56
C ILE A 336 19.28 17.25 9.21
N GLN A 337 20.38 17.90 9.25
CA GLN A 337 21.03 18.45 8.09
C GLN A 337 22.23 17.61 7.71
N PRO A 338 22.66 17.70 6.43
CA PRO A 338 23.70 16.78 5.95
C PRO A 338 24.95 16.75 6.81
N TYR A 339 25.47 17.92 7.21
CA TYR A 339 26.69 17.94 8.02
C TYR A 339 26.49 17.15 9.31
N TYR A 340 25.35 17.31 9.97
CA TYR A 340 25.14 16.62 11.24
C TYR A 340 24.72 15.18 11.07
N ALA A 341 24.06 14.82 9.96
CA ALA A 341 23.78 13.40 9.77
C ALA A 341 25.09 12.63 9.65
N LEU A 342 26.10 13.25 9.02
CA LEU A 342 27.41 12.64 8.87
C LEU A 342 28.12 12.45 10.22
N GLN A 343 27.78 13.23 11.24
CA GLN A 343 28.35 13.09 12.58
C GLN A 343 27.59 12.09 13.43
N HIS A 344 26.52 11.50 12.90
CA HIS A 344 25.68 10.62 13.70
C HIS A 344 26.39 9.31 14.01
N SER A 345 26.10 8.77 15.20
CA SER A 345 26.76 7.55 15.64
C SER A 345 26.47 6.36 14.74
N PHE A 346 25.46 6.45 13.86
CA PHE A 346 25.24 5.36 12.92
C PHE A 346 26.45 5.15 12.04
N PHE A 347 27.18 6.21 11.78
CA PHE A 347 28.34 6.14 10.90
C PHE A 347 29.65 5.92 11.64
N LYS A 348 29.64 5.82 12.97
CA LYS A 348 30.89 5.66 13.73
C LYS A 348 31.45 4.25 13.67
N VAL B 3 -35.65 19.05 12.68
CA VAL B 3 -36.57 18.03 13.20
C VAL B 3 -36.92 17.02 12.12
N TYR B 4 -36.21 15.90 12.10
CA TYR B 4 -36.56 14.73 11.30
C TYR B 4 -37.08 13.63 12.22
N ASN B 5 -38.09 12.91 11.74
CA ASN B 5 -38.67 11.77 12.45
C ASN B 5 -38.99 12.13 13.90
N ASP B 6 -39.80 13.19 14.04
CA ASP B 6 -40.24 13.71 15.34
C ASP B 6 -39.07 14.02 16.27
N GLY B 7 -37.94 14.45 15.70
CA GLY B 7 -36.74 14.74 16.47
C GLY B 7 -35.80 13.57 16.69
N TYR B 8 -36.17 12.35 16.26
CA TYR B 8 -35.39 11.16 16.62
C TYR B 8 -34.19 10.93 15.71
N ASP B 9 -34.24 11.40 14.47
CA ASP B 9 -33.19 11.13 13.49
C ASP B 9 -32.25 12.31 13.36
N ASP B 10 -31.07 12.06 12.79
CA ASP B 10 -30.20 13.14 12.36
C ASP B 10 -30.54 13.47 10.90
N ASP B 11 -29.75 14.35 10.27
CA ASP B 11 -30.04 14.69 8.89
C ASP B 11 -29.63 13.60 7.91
N ASN B 12 -29.16 12.45 8.42
CA ASN B 12 -28.60 11.38 7.62
C ASN B 12 -29.39 10.08 7.76
N TYR B 13 -30.65 10.16 8.21
CA TYR B 13 -31.58 9.05 8.37
C TYR B 13 -31.17 8.07 9.47
N ASP B 14 -30.23 8.46 10.34
CA ASP B 14 -29.83 7.64 11.48
C ASP B 14 -30.60 8.07 12.72
N TYR B 15 -31.06 7.08 13.48
CA TYR B 15 -31.57 7.33 14.82
C TYR B 15 -30.45 7.86 15.71
N ILE B 16 -30.71 8.98 16.38
CA ILE B 16 -29.67 9.52 17.26
C ILE B 16 -29.62 8.62 18.50
N VAL B 17 -28.50 7.90 18.65
CA VAL B 17 -28.33 7.02 19.78
C VAL B 17 -28.05 7.83 21.03
N LYS B 18 -28.79 7.55 22.10
CA LYS B 18 -28.60 8.15 23.41
C LYS B 18 -28.26 7.03 24.40
N ASN B 19 -27.07 7.11 25.00
CA ASN B 19 -26.69 6.10 25.98
C ASN B 19 -27.68 6.12 27.16
N GLY B 20 -28.15 4.93 27.54
CA GLY B 20 -29.05 4.77 28.68
C GLY B 20 -30.53 4.66 28.34
N GLU B 21 -30.91 5.06 27.13
CA GLU B 21 -32.32 5.16 26.75
C GLU B 21 -33.02 3.81 26.87
N LYS B 22 -34.28 3.84 27.28
CA LYS B 22 -35.05 2.63 27.47
C LYS B 22 -36.12 2.52 26.41
N TRP B 23 -36.19 1.37 25.75
CA TRP B 23 -37.21 1.09 24.75
C TRP B 23 -38.29 0.23 25.44
N MET B 24 -39.43 0.87 25.68
CA MET B 24 -40.57 0.37 26.45
C MET B 24 -40.30 -0.91 27.24
N ASP B 25 -39.59 -0.72 28.35
CA ASP B 25 -39.38 -1.74 29.36
C ASP B 25 -38.61 -2.97 28.88
N ARG B 26 -38.21 -3.04 27.61
CA ARG B 26 -37.53 -4.24 27.15
C ARG B 26 -36.03 -4.05 27.00
N TYR B 27 -35.59 -3.07 26.19
CA TYR B 27 -34.18 -2.86 25.89
C TYR B 27 -33.70 -1.61 26.57
N GLU B 28 -32.52 -1.70 27.16
CA GLU B 28 -31.80 -0.54 27.62
C GLU B 28 -30.57 -0.34 26.73
N ILE B 29 -30.53 0.79 26.04
CA ILE B 29 -29.45 1.06 25.10
C ILE B 29 -28.20 1.44 25.89
N ASP B 30 -27.13 0.67 25.70
CA ASP B 30 -25.86 1.00 26.33
C ASP B 30 -25.05 2.00 25.50
N SER B 31 -24.69 1.63 24.27
CA SER B 31 -23.77 2.47 23.50
C SER B 31 -23.70 2.01 22.04
N LEU B 32 -23.28 2.96 21.20
CA LEU B 32 -22.91 2.68 19.82
C LEU B 32 -21.71 1.75 19.78
N ILE B 33 -21.81 0.64 19.05
CA ILE B 33 -20.67 -0.25 18.87
C ILE B 33 -20.24 -0.35 17.42
N GLY B 34 -20.94 0.30 16.51
CA GLY B 34 -20.58 0.23 15.10
C GLY B 34 -21.49 1.16 14.30
N LYS B 35 -21.03 1.48 13.11
CA LYS B 35 -21.74 2.40 12.22
C LYS B 35 -21.29 2.10 10.80
N GLY B 36 -22.23 2.00 9.87
CA GLY B 36 -21.92 1.76 8.48
C GLY B 36 -22.98 2.39 7.61
N SER B 37 -22.88 2.16 6.30
CA SER B 37 -23.80 2.82 5.38
C SER B 37 -25.25 2.43 5.63
N PHE B 38 -25.48 1.26 6.24
CA PHE B 38 -26.82 0.74 6.49
C PHE B 38 -27.51 1.46 7.63
N GLY B 39 -26.74 2.05 8.53
CA GLY B 39 -27.28 2.57 9.78
C GLY B 39 -26.29 2.36 10.90
N GLN B 40 -26.78 1.99 12.08
CA GLN B 40 -25.91 1.87 13.24
C GLN B 40 -26.14 0.54 13.93
N VAL B 41 -25.27 0.24 14.89
CA VAL B 41 -25.37 -0.95 15.70
C VAL B 41 -25.06 -0.54 17.13
N VAL B 42 -25.96 -0.88 18.06
CA VAL B 42 -25.79 -0.53 19.46
C VAL B 42 -25.70 -1.80 20.29
N LYS B 43 -25.02 -1.70 21.42
CA LYS B 43 -25.08 -2.69 22.48
C LYS B 43 -26.28 -2.39 23.38
N ALA B 44 -26.98 -3.43 23.83
CA ALA B 44 -28.19 -3.20 24.62
C ALA B 44 -28.48 -4.39 25.55
N TYR B 45 -29.06 -4.09 26.72
CA TYR B 45 -29.51 -5.15 27.61
C TYR B 45 -30.99 -5.46 27.37
N ASP B 46 -31.31 -6.76 27.32
CA ASP B 46 -32.67 -7.26 27.13
C ASP B 46 -33.20 -7.74 28.48
N ARG B 47 -34.22 -7.06 29.00
CA ARG B 47 -34.70 -7.41 30.33
C ARG B 47 -35.52 -8.69 30.35
N VAL B 48 -36.28 -8.96 29.29
CA VAL B 48 -37.07 -10.20 29.24
C VAL B 48 -36.16 -11.41 29.13
N GLU B 49 -35.17 -11.37 28.21
CA GLU B 49 -34.26 -12.48 28.07
C GLU B 49 -33.15 -12.46 29.11
N GLN B 50 -32.92 -11.30 29.75
CA GLN B 50 -31.84 -11.12 30.71
C GLN B 50 -30.49 -11.48 30.08
N GLU B 51 -30.19 -10.81 28.96
CA GLU B 51 -28.92 -11.01 28.29
C GLU B 51 -28.60 -9.78 27.44
N TRP B 52 -27.31 -9.55 27.24
CA TRP B 52 -26.89 -8.49 26.33
C TRP B 52 -27.17 -8.91 24.90
N VAL B 53 -27.57 -7.94 24.09
CA VAL B 53 -27.82 -8.15 22.66
C VAL B 53 -27.13 -7.04 21.86
N ALA B 54 -27.01 -7.28 20.56
CA ALA B 54 -26.56 -6.26 19.63
C ALA B 54 -27.72 -5.92 18.71
N ILE B 55 -28.04 -4.64 18.59
CA ILE B 55 -29.19 -4.20 17.81
C ILE B 55 -28.68 -3.36 16.67
N LYS B 56 -28.97 -3.81 15.45
CA LYS B 56 -28.67 -3.07 14.24
C LYS B 56 -29.87 -2.19 13.96
N ILE B 57 -29.66 -0.89 13.97
CA ILE B 57 -30.70 0.08 13.68
C ILE B 57 -30.54 0.54 12.24
N ILE B 58 -31.34 -0.07 11.34
CA ILE B 58 -31.36 0.30 9.94
C ILE B 58 -31.81 1.75 9.78
N LYS B 59 -31.27 2.44 8.77
CA LYS B 59 -31.66 3.82 8.54
C LYS B 59 -33.14 3.94 8.16
N ASN B 60 -33.71 5.10 8.49
CA ASN B 60 -35.12 5.43 8.17
C ASN B 60 -35.16 6.03 6.77
N LYS B 61 -35.09 5.16 5.77
CA LYS B 61 -35.10 5.50 4.36
C LYS B 61 -35.33 4.20 3.58
N LYS B 62 -36.13 4.27 2.52
CA LYS B 62 -36.73 3.05 1.98
C LYS B 62 -35.68 2.10 1.41
N ALA B 63 -34.64 2.62 0.76
CA ALA B 63 -33.64 1.74 0.15
C ALA B 63 -32.98 0.85 1.21
N PHE B 64 -32.58 1.43 2.33
CA PHE B 64 -31.95 0.66 3.40
C PHE B 64 -32.94 -0.31 4.06
N LEU B 65 -34.18 0.16 4.27
CA LEU B 65 -35.25 -0.71 4.77
C LEU B 65 -35.37 -1.96 3.91
N ASN B 66 -35.49 -1.78 2.59
CA ASN B 66 -35.75 -2.94 1.73
C ASN B 66 -34.61 -3.93 1.77
N GLN B 67 -33.36 -3.45 1.73
CA GLN B 67 -32.23 -4.36 1.82
C GLN B 67 -32.23 -5.10 3.15
N ALA B 68 -32.56 -4.38 4.24
CA ALA B 68 -32.56 -5.04 5.55
C ALA B 68 -33.67 -6.08 5.63
N GLN B 69 -34.73 -5.90 4.84
CA GLN B 69 -35.77 -6.92 4.76
C GLN B 69 -35.25 -8.19 4.09
N ILE B 70 -34.43 -8.03 3.04
CA ILE B 70 -33.73 -9.19 2.48
C ILE B 70 -32.84 -9.82 3.54
N GLU B 71 -32.14 -8.99 4.32
CA GLU B 71 -31.26 -9.49 5.37
C GLU B 71 -32.04 -10.33 6.38
N VAL B 72 -33.18 -9.80 6.85
CA VAL B 72 -34.04 -10.55 7.78
C VAL B 72 -34.43 -11.89 7.19
N ARG B 73 -34.96 -11.88 5.96
CA ARG B 73 -35.36 -13.12 5.30
C ARG B 73 -34.23 -14.16 5.27
N LEU B 74 -33.05 -13.76 4.78
CA LEU B 74 -31.93 -14.70 4.72
C LEU B 74 -31.51 -15.19 6.10
N LEU B 75 -31.56 -14.30 7.11
CA LEU B 75 -31.20 -14.72 8.47
C LEU B 75 -32.20 -15.73 9.01
N GLU B 76 -33.50 -15.46 8.84
CA GLU B 76 -34.50 -16.40 9.33
C GLU B 76 -34.41 -17.72 8.59
N LEU B 77 -34.12 -17.69 7.29
CA LEU B 77 -33.94 -18.93 6.54
C LEU B 77 -32.77 -19.75 7.09
N MET B 78 -31.69 -19.09 7.46
CA MET B 78 -30.48 -19.79 7.91
C MET B 78 -30.64 -20.37 9.29
N ASN B 79 -31.15 -19.57 10.24
CA ASN B 79 -31.31 -20.08 11.60
C ASN B 79 -32.35 -21.20 11.65
N LYS B 80 -33.36 -21.14 10.77
CA LYS B 80 -34.28 -22.23 10.53
C LYS B 80 -33.55 -23.56 10.30
N HIS B 81 -32.52 -23.56 9.46
CA HIS B 81 -31.70 -24.76 9.26
C HIS B 81 -30.59 -24.83 10.29
N TYR B 87 -23.79 -24.51 13.94
CA TYR B 87 -24.26 -23.20 14.39
C TYR B 87 -23.15 -22.12 14.28
N TYR B 88 -22.68 -21.88 13.05
CA TYR B 88 -21.61 -20.93 12.77
C TYR B 88 -22.10 -19.59 12.25
N ILE B 89 -23.41 -19.44 12.06
CA ILE B 89 -24.01 -18.20 11.59
C ILE B 89 -24.57 -17.46 12.80
N VAL B 90 -24.43 -16.13 12.81
CA VAL B 90 -25.00 -15.31 13.87
C VAL B 90 -26.51 -15.54 13.95
N HIS B 91 -27.02 -15.59 15.18
CA HIS B 91 -28.43 -15.86 15.42
C HIS B 91 -29.22 -14.56 15.52
N LEU B 92 -30.13 -14.34 14.58
CA LEU B 92 -31.09 -13.25 14.71
C LEU B 92 -32.16 -13.66 15.74
N LYS B 93 -32.27 -12.89 16.83
CA LYS B 93 -33.22 -13.21 17.88
C LYS B 93 -34.63 -12.77 17.51
N ARG B 94 -34.77 -11.50 17.11
CA ARG B 94 -36.04 -10.94 16.71
C ARG B 94 -35.76 -9.67 15.93
N HIS B 95 -36.77 -9.23 15.20
CA HIS B 95 -36.73 -7.95 14.52
C HIS B 95 -38.03 -7.22 14.81
N PHE B 96 -37.99 -5.90 14.70
CA PHE B 96 -39.18 -5.09 14.95
C PHE B 96 -38.97 -3.68 14.39
N MET B 97 -40.07 -2.96 14.27
CA MET B 97 -40.03 -1.55 13.89
C MET B 97 -40.08 -0.70 15.15
N PHE B 98 -39.32 0.40 15.13
CA PHE B 98 -39.26 1.26 16.31
C PHE B 98 -38.87 2.67 15.86
N ARG B 99 -39.81 3.61 16.02
CA ARG B 99 -39.58 5.01 15.64
C ARG B 99 -39.14 5.11 14.19
N ASN B 100 -39.72 4.24 13.35
CA ASN B 100 -39.53 4.20 11.90
C ASN B 100 -38.14 3.74 11.50
N HIS B 101 -37.48 2.96 12.37
CA HIS B 101 -36.26 2.25 12.01
C HIS B 101 -36.51 0.75 12.17
N LEU B 102 -36.26 -0.02 11.11
CA LEU B 102 -36.15 -1.46 11.30
C LEU B 102 -34.98 -1.74 12.23
N CYS B 103 -35.17 -2.67 13.16
CA CYS B 103 -34.17 -3.02 14.16
C CYS B 103 -34.02 -4.52 14.15
N LEU B 104 -32.77 -4.98 14.09
CA LEU B 104 -32.47 -6.39 14.08
C LEU B 104 -31.69 -6.69 15.34
N VAL B 105 -32.22 -7.61 16.16
CA VAL B 105 -31.60 -7.94 17.44
C VAL B 105 -30.82 -9.24 17.26
N PHE B 106 -29.53 -9.20 17.59
CA PHE B 106 -28.65 -10.35 17.45
C PHE B 106 -28.13 -10.77 18.81
N GLU B 107 -27.80 -12.05 18.94
CA GLU B 107 -26.97 -12.45 20.07
C GLU B 107 -25.75 -11.53 20.19
N MET B 108 -25.30 -11.35 21.43
CA MET B 108 -24.08 -10.59 21.70
C MET B 108 -22.88 -11.50 21.53
N LEU B 109 -21.84 -10.99 20.87
CA LEU B 109 -20.64 -11.78 20.67
C LEU B 109 -19.44 -10.97 21.14
N SER B 110 -18.27 -11.62 21.18
CA SER B 110 -17.04 -10.99 21.63
C SER B 110 -16.31 -10.27 20.49
N TYR B 111 -14.98 -10.21 20.56
CA TYR B 111 -14.16 -9.47 19.58
C TYR B 111 -14.36 -9.99 18.16
N ASN B 112 -14.23 -9.10 17.18
CA ASN B 112 -14.07 -9.61 15.82
C ASN B 112 -12.58 -9.94 15.56
N LEU B 113 -12.29 -10.50 14.39
CA LEU B 113 -10.93 -11.00 14.16
C LEU B 113 -9.96 -9.85 13.89
N TYR B 114 -10.46 -8.70 13.49
CA TYR B 114 -9.58 -7.53 13.34
C TYR B 114 -9.15 -6.98 14.69
N ASP B 115 -10.08 -6.93 15.67
CA ASP B 115 -9.69 -6.56 17.02
C ASP B 115 -8.63 -7.51 17.56
N LEU B 116 -8.74 -8.79 17.19
CA LEU B 116 -7.74 -9.78 17.62
C LEU B 116 -6.36 -9.46 17.03
N LEU B 117 -6.31 -9.14 15.73
CA LEU B 117 -5.04 -8.74 15.13
C LEU B 117 -4.48 -7.50 15.82
N ARG B 118 -5.34 -6.55 16.14
CA ARG B 118 -4.86 -5.37 16.85
C ARG B 118 -4.25 -5.75 18.20
N ASN B 119 -4.86 -6.72 18.89
CA ASN B 119 -4.34 -7.13 20.19
C ASN B 119 -2.99 -7.83 20.09
N THR B 120 -2.63 -8.36 18.91
CA THR B 120 -1.27 -8.86 18.70
C THR B 120 -0.33 -7.79 18.14
N ASN B 121 -0.72 -6.51 18.21
CA ASN B 121 -0.01 -5.42 17.54
C ASN B 121 0.29 -5.76 16.09
N PHE B 122 -0.65 -6.48 15.46
CA PHE B 122 -0.60 -6.83 14.05
C PHE B 122 0.58 -7.73 13.73
N ARG B 123 0.97 -8.58 14.67
CA ARG B 123 1.97 -9.62 14.43
C ARG B 123 1.35 -10.95 13.98
N GLY B 124 0.03 -11.07 13.95
CA GLY B 124 -0.65 -12.28 13.50
C GLY B 124 -0.85 -13.29 14.62
N VAL B 125 -1.83 -14.17 14.43
CA VAL B 125 -2.03 -15.29 15.34
C VAL B 125 -1.25 -16.48 14.81
N SER B 126 -1.04 -17.46 15.68
CA SER B 126 -0.33 -18.68 15.33
C SER B 126 -1.04 -19.43 14.19
N LEU B 127 -0.27 -20.31 13.54
CA LEU B 127 -0.84 -21.17 12.52
C LEU B 127 -1.93 -22.10 13.09
N ASN B 128 -1.85 -22.43 14.37
CA ASN B 128 -2.84 -23.33 14.98
C ASN B 128 -4.19 -22.64 15.14
N LEU B 129 -4.18 -21.44 15.67
CA LEU B 129 -5.41 -20.66 15.76
C LEU B 129 -5.93 -20.34 14.37
N THR B 130 -5.04 -20.00 13.43
CA THR B 130 -5.48 -19.82 12.04
C THR B 130 -6.20 -21.06 11.52
N ARG B 131 -5.68 -22.25 11.84
CA ARG B 131 -6.28 -23.49 11.35
C ARG B 131 -7.69 -23.67 11.92
N LYS B 132 -7.86 -23.40 13.22
CA LYS B 132 -9.19 -23.48 13.83
C LYS B 132 -10.16 -22.50 13.18
N PHE B 133 -9.75 -21.25 12.96
CA PHE B 133 -10.64 -20.29 12.29
C PHE B 133 -10.97 -20.74 10.89
N ALA B 134 -9.95 -21.23 10.16
CA ALA B 134 -10.13 -21.74 8.81
C ALA B 134 -11.14 -22.89 8.78
N GLN B 135 -10.99 -23.85 9.70
CA GLN B 135 -11.87 -25.02 9.69
C GLN B 135 -13.33 -24.63 9.96
N GLN B 136 -13.55 -23.74 10.93
CA GLN B 136 -14.89 -23.23 11.19
C GLN B 136 -15.44 -22.47 9.98
N MET B 137 -14.64 -21.57 9.42
CA MET B 137 -15.11 -20.79 8.27
C MET B 137 -15.50 -21.70 7.11
N CYS B 138 -14.65 -22.69 6.79
CA CYS B 138 -14.96 -23.60 5.69
C CYS B 138 -16.27 -24.34 5.94
N THR B 139 -16.51 -24.79 7.19
CA THR B 139 -17.79 -25.41 7.54
C THR B 139 -18.95 -24.45 7.37
N ALA B 140 -18.80 -23.21 7.83
CA ALA B 140 -19.85 -22.22 7.66
C ALA B 140 -20.15 -21.98 6.18
N LEU B 141 -19.11 -21.96 5.33
CA LEU B 141 -19.36 -21.78 3.91
C LEU B 141 -20.04 -23.01 3.30
N LEU B 142 -19.64 -24.22 3.75
CA LEU B 142 -20.37 -25.43 3.38
C LEU B 142 -21.86 -25.29 3.71
N PHE B 143 -22.17 -24.75 4.89
CA PHE B 143 -23.58 -24.54 5.26
C PHE B 143 -24.27 -23.56 4.32
N LEU B 144 -23.60 -22.45 3.98
CA LEU B 144 -24.22 -21.49 3.07
C LEU B 144 -24.43 -22.06 1.66
N ALA B 145 -23.65 -23.07 1.27
CA ALA B 145 -23.74 -23.67 -0.05
C ALA B 145 -24.83 -24.74 -0.17
N THR B 146 -25.44 -25.18 0.93
CA THR B 146 -26.56 -26.12 0.83
C THR B 146 -27.58 -25.59 -0.17
N PRO B 147 -28.17 -26.47 -1.00
CA PRO B 147 -29.01 -25.97 -2.12
C PRO B 147 -30.16 -25.07 -1.72
N GLU B 148 -30.91 -25.38 -0.64
CA GLU B 148 -32.05 -24.53 -0.29
C GLU B 148 -31.62 -23.12 0.11
N LEU B 149 -30.38 -22.95 0.58
CA LEU B 149 -29.88 -21.63 1.01
C LEU B 149 -29.21 -20.92 -0.17
N SER B 150 -28.07 -21.46 -0.61
CA SER B 150 -27.29 -20.87 -1.71
C SER B 150 -27.02 -19.39 -1.44
N ILE B 151 -26.49 -19.10 -0.25
CA ILE B 151 -26.30 -17.74 0.20
C ILE B 151 -24.86 -17.31 -0.09
N ILE B 152 -24.71 -16.18 -0.76
CA ILE B 152 -23.44 -15.48 -0.90
C ILE B 152 -23.43 -14.37 0.14
N HIS B 153 -22.50 -14.46 1.09
CA HIS B 153 -22.42 -13.45 2.16
C HIS B 153 -22.09 -12.08 1.58
N CYS B 154 -21.16 -12.03 0.62
CA CYS B 154 -20.78 -10.85 -0.16
C CYS B 154 -19.95 -9.83 0.62
N ASP B 155 -19.51 -10.11 1.86
CA ASP B 155 -18.74 -9.12 2.60
C ASP B 155 -17.90 -9.77 3.70
N LEU B 156 -17.37 -10.96 3.44
CA LEU B 156 -16.45 -11.55 4.41
C LEU B 156 -15.19 -10.73 4.56
N LYS B 157 -14.77 -10.52 5.81
CA LYS B 157 -13.58 -9.78 6.18
C LYS B 157 -13.37 -10.01 7.67
N PRO B 158 -12.19 -9.72 8.23
CA PRO B 158 -11.98 -10.02 9.67
C PRO B 158 -13.02 -9.39 10.58
N GLU B 159 -13.46 -8.17 10.27
CA GLU B 159 -14.45 -7.48 11.10
C GLU B 159 -15.78 -8.22 11.16
N ASN B 160 -16.10 -9.06 10.17
CA ASN B 160 -17.37 -9.77 10.14
C ASN B 160 -17.27 -11.19 10.65
N ILE B 161 -16.19 -11.53 11.32
CA ILE B 161 -16.04 -12.80 12.00
C ILE B 161 -15.72 -12.49 13.46
N LEU B 162 -16.58 -12.97 14.36
CA LEU B 162 -16.52 -12.58 15.76
C LEU B 162 -16.29 -13.81 16.63
N LEU B 163 -15.44 -13.66 17.64
CA LEU B 163 -15.35 -14.69 18.67
C LEU B 163 -16.66 -14.78 19.45
N CYS B 164 -17.04 -16.00 19.81
CA CYS B 164 -18.20 -16.17 20.70
C CYS B 164 -17.87 -15.67 22.10
N ASN B 165 -16.70 -16.07 22.62
CA ASN B 165 -16.27 -15.87 23.99
C ASN B 165 -14.82 -15.41 23.92
N PRO B 166 -14.43 -14.36 24.64
CA PRO B 166 -13.09 -13.75 24.41
C PRO B 166 -11.91 -14.66 24.76
N LYS B 167 -12.14 -15.83 25.34
CA LYS B 167 -11.06 -16.73 25.74
C LYS B 167 -11.01 -18.01 24.93
N ARG B 168 -11.93 -18.20 23.99
CA ARG B 168 -11.97 -19.42 23.20
C ARG B 168 -11.97 -19.09 21.72
N SER B 169 -11.78 -20.13 20.92
CA SER B 169 -11.53 -20.01 19.49
C SER B 169 -12.79 -20.11 18.62
N ALA B 170 -13.96 -20.40 19.20
CA ALA B 170 -15.18 -20.53 18.40
C ALA B 170 -15.64 -19.17 17.88
N ILE B 171 -16.26 -19.18 16.70
CA ILE B 171 -16.58 -17.94 15.96
C ILE B 171 -17.95 -18.05 15.33
N LYS B 172 -18.51 -16.89 14.99
CA LYS B 172 -19.69 -16.81 14.14
C LYS B 172 -19.51 -15.69 13.13
N ILE B 173 -20.08 -15.87 11.94
CA ILE B 173 -20.10 -14.86 10.89
C ILE B 173 -21.28 -13.95 11.14
N VAL B 174 -21.06 -12.63 11.07
CA VAL B 174 -22.12 -11.64 11.24
C VAL B 174 -22.25 -10.80 9.98
N ASP B 175 -23.27 -9.95 9.98
CA ASP B 175 -23.56 -8.93 8.96
C ASP B 175 -23.84 -9.51 7.57
N PHE B 176 -25.03 -10.09 7.40
CA PHE B 176 -25.54 -10.47 6.09
C PHE B 176 -26.31 -9.35 5.43
N GLY B 177 -26.02 -8.09 5.80
CA GLY B 177 -26.69 -6.93 5.24
C GLY B 177 -26.42 -6.68 3.77
N SER B 178 -25.43 -7.36 3.18
CA SER B 178 -25.19 -7.31 1.74
C SER B 178 -25.49 -8.62 1.05
N SER B 179 -25.81 -9.66 1.82
CA SER B 179 -25.84 -11.01 1.27
C SER B 179 -26.97 -11.18 0.27
N CYS B 180 -26.87 -12.25 -0.52
CA CYS B 180 -27.90 -12.58 -1.48
C CYS B 180 -27.84 -14.07 -1.75
N GLN B 181 -28.93 -14.59 -2.32
CA GLN B 181 -28.98 -15.95 -2.80
C GLN B 181 -28.56 -16.00 -4.26
N LEU B 182 -27.92 -17.11 -4.63
CA LEU B 182 -27.40 -17.32 -5.99
C LEU B 182 -28.41 -16.90 -7.07
N GLY B 183 -29.70 -17.07 -6.80
CA GLY B 183 -30.70 -16.74 -7.81
C GLY B 183 -31.17 -15.30 -7.84
N GLN B 184 -30.75 -14.46 -6.90
CA GLN B 184 -31.28 -13.10 -6.80
C GLN B 184 -30.17 -12.09 -6.50
N ARG B 185 -29.04 -12.20 -7.21
CA ARG B 185 -28.00 -11.19 -7.03
C ARG B 185 -28.42 -9.88 -7.70
N ILE B 186 -28.19 -8.77 -7.00
CA ILE B 186 -28.65 -7.47 -7.49
C ILE B 186 -27.57 -6.40 -7.57
N TYR B 187 -26.42 -6.51 -6.90
CA TYR B 187 -25.42 -5.46 -6.96
C TYR B 187 -24.17 -5.93 -7.71
N GLN B 188 -23.50 -4.99 -8.36
CA GLN B 188 -22.20 -5.27 -9.03
C GLN B 188 -20.98 -4.91 -8.17
N ILE B 190 -19.53 -4.94 -5.05
CA ILE B 190 -19.75 -5.63 -3.80
C ILE B 190 -18.44 -6.13 -3.23
N GLN B 191 -18.50 -6.54 -1.96
CA GLN B 191 -17.38 -7.03 -1.16
C GLN B 191 -16.51 -5.85 -0.72
N SER B 192 -15.88 -5.97 0.46
CA SER B 192 -14.90 -4.97 0.87
C SER B 192 -13.64 -5.14 0.01
N ARG B 193 -13.06 -4.01 -0.39
CA ARG B 193 -12.11 -4.00 -1.50
C ARG B 193 -10.96 -4.97 -1.28
N PHE B 194 -10.38 -5.00 -0.07
CA PHE B 194 -9.23 -5.88 0.17
C PHE B 194 -9.57 -7.34 -0.04
N TYR B 195 -10.86 -7.66 0.02
CA TYR B 195 -11.34 -9.05 0.00
C TYR B 195 -12.18 -9.29 -1.24
N ARG B 196 -12.21 -8.32 -2.15
CA ARG B 196 -13.02 -8.42 -3.35
C ARG B 196 -12.37 -9.35 -4.37
N SER B 197 -13.16 -10.25 -4.93
CA SER B 197 -12.72 -11.30 -5.83
C SER B 197 -12.43 -10.76 -7.23
N PRO B 198 -11.56 -11.46 -7.97
CA PRO B 198 -11.27 -11.02 -9.35
C PRO B 198 -12.53 -10.93 -10.21
N GLU B 199 -13.43 -11.92 -10.10
CA GLU B 199 -14.63 -11.89 -10.93
C GLU B 199 -15.48 -10.64 -10.65
N VAL B 200 -15.48 -10.15 -9.40
CA VAL B 200 -16.25 -8.94 -9.12
C VAL B 200 -15.51 -7.71 -9.65
N LEU B 201 -14.20 -7.64 -9.45
CA LEU B 201 -13.43 -6.54 -10.01
C LEU B 201 -13.57 -6.50 -11.53
N LEU B 202 -13.64 -7.67 -12.17
CA LEU B 202 -13.75 -7.72 -13.62
C LEU B 202 -15.18 -7.54 -14.12
N GLY B 203 -16.13 -7.29 -13.21
CA GLY B 203 -17.51 -7.07 -13.62
C GLY B 203 -18.17 -8.27 -14.25
N MET B 204 -17.82 -9.47 -13.82
CA MET B 204 -18.33 -10.73 -14.35
C MET B 204 -19.42 -11.29 -13.45
N PRO B 205 -20.23 -12.22 -13.94
CA PRO B 205 -21.14 -12.93 -13.04
C PRO B 205 -20.35 -13.62 -11.92
N TYR B 206 -20.97 -13.70 -10.74
CA TYR B 206 -20.30 -14.26 -9.58
C TYR B 206 -21.24 -15.20 -8.84
N ASP B 207 -20.66 -16.08 -8.05
CA ASP B 207 -21.42 -17.05 -7.28
C ASP B 207 -20.79 -17.15 -5.90
N LEU B 208 -21.02 -18.27 -5.22
CA LEU B 208 -20.54 -18.44 -3.86
C LEU B 208 -19.02 -18.55 -3.77
N ALA B 209 -18.34 -18.68 -4.89
CA ALA B 209 -16.89 -18.77 -4.85
C ALA B 209 -16.24 -17.47 -4.44
N ILE B 210 -16.95 -16.34 -4.54
CA ILE B 210 -16.37 -15.08 -4.08
C ILE B 210 -16.10 -15.09 -2.58
N ASP B 211 -16.92 -15.81 -1.80
CA ASP B 211 -16.67 -15.89 -0.36
C ASP B 211 -15.44 -16.71 -0.07
N MET B 212 -15.18 -17.76 -0.85
CA MET B 212 -13.95 -18.53 -0.66
C MET B 212 -12.73 -17.69 -1.03
N TRP B 213 -12.88 -16.81 -2.02
CA TRP B 213 -11.79 -15.88 -2.31
C TRP B 213 -11.50 -15.00 -1.10
N SER B 214 -12.55 -14.37 -0.55
CA SER B 214 -12.39 -13.54 0.65
C SER B 214 -11.78 -14.34 1.78
N LEU B 215 -12.21 -15.59 1.96
CA LEU B 215 -11.67 -16.40 3.05
C LEU B 215 -10.18 -16.61 2.91
N GLY B 216 -9.72 -16.90 1.67
CA GLY B 216 -8.28 -17.04 1.45
C GLY B 216 -7.52 -15.80 1.88
N CYS B 217 -8.00 -14.62 1.49
CA CYS B 217 -7.33 -13.39 1.87
C CYS B 217 -7.31 -13.21 3.38
N ILE B 218 -8.42 -13.55 4.04
CA ILE B 218 -8.55 -13.37 5.49
C ILE B 218 -7.55 -14.26 6.23
N LEU B 219 -7.39 -15.50 5.77
CA LEU B 219 -6.57 -16.45 6.52
C LEU B 219 -5.10 -16.05 6.51
N VAL B 220 -4.60 -15.57 5.37
CA VAL B 220 -3.23 -15.03 5.33
C VAL B 220 -3.09 -13.86 6.29
N GLU B 221 -4.05 -12.93 6.23
CA GLU B 221 -4.02 -11.75 7.10
C GLU B 221 -4.00 -12.15 8.58
N MET B 222 -4.80 -13.16 8.96
CA MET B 222 -4.79 -13.60 10.36
C MET B 222 -3.41 -14.10 10.81
N HIS B 223 -2.65 -14.75 9.92
CA HIS B 223 -1.33 -15.21 10.33
C HIS B 223 -0.25 -14.16 10.17
N THR B 224 -0.31 -13.32 9.13
CA THR B 224 0.74 -12.33 8.95
C THR B 224 0.50 -11.08 9.80
N GLY B 225 -0.77 -10.75 10.04
CA GLY B 225 -1.12 -9.51 10.71
C GLY B 225 -1.52 -8.38 9.80
N GLU B 226 -1.34 -8.52 8.48
CA GLU B 226 -1.63 -7.46 7.54
C GLU B 226 -2.43 -8.01 6.36
N PRO B 227 -3.26 -7.19 5.74
CA PRO B 227 -4.01 -7.65 4.55
C PRO B 227 -3.09 -8.08 3.41
N LEU B 228 -3.48 -9.17 2.74
CA LEU B 228 -2.69 -9.71 1.63
C LEU B 228 -2.69 -8.74 0.45
N PHE B 229 -3.86 -8.18 0.13
CA PHE B 229 -4.10 -7.37 -1.05
C PHE B 229 -4.77 -6.08 -0.60
N SER B 230 -3.96 -5.08 -0.24
CA SER B 230 -4.48 -3.85 0.35
C SER B 230 -4.60 -2.75 -0.72
N GLY B 231 -5.54 -2.94 -1.64
CA GLY B 231 -5.73 -1.95 -2.69
C GLY B 231 -6.45 -0.72 -2.17
N ALA B 232 -6.02 0.45 -2.65
CA ALA B 232 -6.68 1.69 -2.27
C ALA B 232 -7.80 2.08 -3.22
N ASN B 233 -7.89 1.41 -4.38
CA ASN B 233 -8.96 1.54 -5.35
C ASN B 233 -8.93 0.26 -6.18
N GLU B 234 -9.87 0.14 -7.12
CA GLU B 234 -10.02 -1.12 -7.84
C GLU B 234 -8.78 -1.42 -8.70
N VAL B 235 -8.20 -0.40 -9.35
CA VAL B 235 -7.00 -0.62 -10.17
C VAL B 235 -5.83 -1.10 -9.30
N ASP B 236 -5.57 -0.39 -8.21
CA ASP B 236 -4.55 -0.84 -7.27
C ASP B 236 -4.85 -2.24 -6.71
N GLN B 237 -6.13 -2.57 -6.50
CA GLN B 237 -6.46 -3.86 -5.90
C GLN B 237 -6.13 -5.00 -6.86
N MET B 238 -6.52 -4.85 -8.12
CA MET B 238 -6.19 -5.86 -9.13
C MET B 238 -4.68 -5.98 -9.34
N ASN B 239 -3.97 -4.86 -9.35
CA ASN B 239 -2.52 -4.94 -9.49
C ASN B 239 -1.89 -5.69 -8.32
N LYS B 240 -2.38 -5.47 -7.09
CA LYS B 240 -1.80 -6.17 -5.96
C LYS B 240 -2.09 -7.66 -6.03
N ILE B 241 -3.25 -8.04 -6.57
CA ILE B 241 -3.51 -9.46 -6.81
C ILE B 241 -2.52 -10.00 -7.85
N VAL B 242 -2.29 -9.25 -8.94
CA VAL B 242 -1.42 -9.70 -10.03
C VAL B 242 0.00 -9.95 -9.53
N GLU B 243 0.50 -9.10 -8.63
CA GLU B 243 1.83 -9.27 -8.06
C GLU B 243 2.02 -10.66 -7.48
N VAL B 244 1.02 -11.17 -6.78
CA VAL B 244 1.17 -12.45 -6.12
C VAL B 244 0.80 -13.59 -7.05
N LEU B 245 -0.24 -13.42 -7.86
CA LEU B 245 -0.86 -14.55 -8.54
C LEU B 245 -0.62 -14.61 -10.05
N GLY B 246 0.05 -13.63 -10.63
CA GLY B 246 0.25 -13.64 -12.07
C GLY B 246 -0.93 -13.05 -12.81
N ILE B 247 -0.78 -12.94 -14.13
CA ILE B 247 -1.87 -12.41 -14.96
C ILE B 247 -3.03 -13.41 -14.94
N PRO B 248 -4.28 -12.95 -14.85
CA PRO B 248 -5.39 -13.90 -14.87
C PRO B 248 -5.42 -14.67 -16.16
N PRO B 249 -6.00 -15.88 -16.17
CA PRO B 249 -6.08 -16.68 -17.39
C PRO B 249 -6.84 -15.96 -18.50
N ALA B 250 -6.44 -16.25 -19.73
CA ALA B 250 -6.96 -15.47 -20.86
C ALA B 250 -8.39 -15.82 -21.18
N HIS B 251 -8.80 -17.06 -20.95
CA HIS B 251 -10.21 -17.41 -21.19
C HIS B 251 -11.11 -16.61 -20.26
N ILE B 252 -10.63 -16.32 -19.05
CA ILE B 252 -11.35 -15.44 -18.13
C ILE B 252 -11.35 -14.01 -18.66
N LEU B 253 -10.16 -13.46 -18.96
CA LEU B 253 -10.08 -12.06 -19.38
C LEU B 253 -10.81 -11.83 -20.71
N ASP B 254 -10.80 -12.82 -21.61
CA ASP B 254 -11.52 -12.65 -22.88
C ASP B 254 -13.01 -12.44 -22.66
N GLN B 255 -13.55 -12.82 -21.50
CA GLN B 255 -14.97 -12.73 -21.19
C GLN B 255 -15.31 -11.64 -20.19
N ALA B 256 -14.32 -10.85 -19.77
CA ALA B 256 -14.51 -9.91 -18.67
C ALA B 256 -14.93 -8.55 -19.20
N PRO B 257 -16.13 -8.07 -18.84
CA PRO B 257 -16.53 -6.72 -19.30
C PRO B 257 -15.56 -5.62 -18.91
N LYS B 258 -14.90 -5.72 -17.76
CA LYS B 258 -14.01 -4.66 -17.30
C LYS B 258 -12.53 -5.06 -17.45
N ALA B 259 -12.23 -5.99 -18.36
CA ALA B 259 -10.85 -6.44 -18.50
C ALA B 259 -9.92 -5.28 -18.80
N ARG B 260 -10.35 -4.35 -19.66
CA ARG B 260 -9.50 -3.26 -20.11
C ARG B 260 -9.46 -2.09 -19.12
N LYS B 261 -10.16 -2.18 -17.99
CA LYS B 261 -9.86 -1.27 -16.88
C LYS B 261 -8.50 -1.56 -16.27
N PHE B 262 -8.02 -2.78 -16.40
CA PHE B 262 -6.78 -3.21 -15.75
C PHE B 262 -5.72 -3.74 -16.70
N PHE B 263 -6.12 -4.24 -17.88
CA PHE B 263 -5.31 -5.04 -18.76
C PHE B 263 -5.43 -4.56 -20.20
N GLU B 264 -4.47 -4.98 -21.03
CA GLU B 264 -4.57 -4.76 -22.47
C GLU B 264 -4.11 -6.00 -23.22
N LYS B 265 -4.69 -6.19 -24.40
CA LYS B 265 -4.21 -7.23 -25.30
C LYS B 265 -3.01 -6.69 -26.05
N LEU B 266 -1.88 -7.38 -25.98
CA LEU B 266 -0.69 -6.94 -26.70
C LEU B 266 -0.81 -7.30 -28.18
N PRO B 267 0.02 -6.68 -29.05
CA PRO B 267 0.05 -7.12 -30.45
C PRO B 267 0.29 -8.62 -30.60
N ASP B 268 1.09 -9.23 -29.71
CA ASP B 268 1.26 -10.68 -29.90
C ASP B 268 0.03 -11.52 -29.44
N GLY B 269 -1.10 -10.91 -29.07
CA GLY B 269 -2.25 -11.66 -28.61
C GLY B 269 -2.27 -11.97 -27.13
N THR B 270 -1.18 -11.76 -26.40
CA THR B 270 -1.19 -12.05 -24.98
C THR B 270 -1.95 -10.97 -24.21
N TRP B 271 -2.42 -11.36 -23.03
CA TRP B 271 -3.00 -10.41 -22.08
C TRP B 271 -1.91 -9.89 -21.15
N ASN B 272 -1.90 -8.58 -20.93
CA ASN B 272 -0.93 -8.00 -20.01
C ASN B 272 -1.55 -6.83 -19.25
N LEU B 273 -0.88 -6.39 -18.20
CA LEU B 273 -1.30 -5.19 -17.48
C LEU B 273 -1.22 -3.97 -18.36
N LYS B 274 -2.14 -3.02 -18.14
CA LYS B 274 -2.08 -1.75 -18.85
C LYS B 274 -0.76 -1.05 -18.56
N LYS B 275 -0.14 -0.50 -19.60
CA LYS B 275 1.23 -0.01 -19.44
C LYS B 275 1.24 1.27 -18.60
N THR B 276 2.05 1.24 -17.55
CA THR B 276 2.14 2.29 -16.56
C THR B 276 2.85 3.51 -17.16
N LYS B 277 2.61 4.69 -16.57
CA LYS B 277 3.18 5.90 -17.11
C LYS B 277 4.71 5.81 -17.09
N ASP B 278 5.35 6.49 -18.05
CA ASP B 278 6.68 6.12 -18.54
C ASP B 278 7.73 6.05 -17.42
N GLY B 279 7.92 7.14 -16.70
CA GLY B 279 8.99 7.06 -15.73
C GLY B 279 8.63 6.51 -14.36
N LYS B 280 7.43 5.97 -14.16
CA LYS B 280 6.92 5.71 -12.83
C LYS B 280 7.06 4.23 -12.49
N ARG B 281 7.21 3.94 -11.20
CA ARG B 281 7.51 2.58 -10.77
C ARG B 281 6.38 1.65 -11.16
N GLU B 282 6.77 0.46 -11.61
CA GLU B 282 5.83 -0.62 -11.89
C GLU B 282 5.50 -1.38 -10.61
N TYR B 283 4.37 -2.06 -10.65
CA TYR B 283 4.10 -3.10 -9.67
C TYR B 283 5.12 -4.22 -9.89
N LYS B 284 5.33 -5.02 -8.85
CA LYS B 284 6.25 -6.12 -8.98
C LYS B 284 5.78 -7.04 -10.10
N PRO B 285 6.70 -7.64 -10.84
CA PRO B 285 6.32 -8.37 -12.06
C PRO B 285 5.32 -9.47 -11.75
N PRO B 286 4.33 -9.65 -12.63
CA PRO B 286 3.27 -10.65 -12.40
C PRO B 286 3.74 -11.98 -11.83
N GLY B 287 3.21 -12.33 -10.66
CA GLY B 287 3.45 -13.63 -10.07
C GLY B 287 4.72 -13.77 -9.25
N THR B 288 5.45 -12.68 -8.99
CA THR B 288 6.76 -12.77 -8.34
C THR B 288 6.75 -12.42 -6.86
N ARG B 289 5.73 -11.69 -6.38
CA ARG B 289 5.53 -11.52 -4.93
C ARG B 289 4.89 -12.81 -4.40
N LYS B 290 5.74 -13.82 -4.21
CA LYS B 290 5.27 -15.18 -3.91
C LYS B 290 4.71 -15.27 -2.49
N LEU B 291 3.56 -15.93 -2.37
CA LEU B 291 2.99 -16.26 -1.06
C LEU B 291 3.97 -17.05 -0.20
N HIS B 292 4.84 -17.84 -0.87
CA HIS B 292 5.90 -18.58 -0.20
C HIS B 292 6.73 -17.70 0.73
N ASN B 293 7.03 -16.47 0.30
CA ASN B 293 7.82 -15.56 1.11
C ASN B 293 6.99 -14.67 2.04
N ILE B 294 5.79 -14.27 1.61
CA ILE B 294 4.88 -13.53 2.50
C ILE B 294 4.65 -14.33 3.77
N LEU B 295 4.38 -15.63 3.62
CA LEU B 295 4.22 -16.50 4.78
C LEU B 295 5.52 -16.78 5.51
N GLY B 296 6.67 -16.53 4.88
CA GLY B 296 7.95 -16.94 5.46
C GLY B 296 8.07 -18.44 5.68
N VAL B 297 7.61 -19.24 4.71
CA VAL B 297 7.52 -20.70 4.84
C VAL B 297 8.85 -21.31 5.30
N GLU B 298 9.97 -20.76 4.83
CA GLU B 298 11.27 -21.37 5.11
C GLU B 298 12.14 -20.49 6.01
N THR B 299 11.64 -19.36 6.48
CA THR B 299 12.45 -18.46 7.31
C THR B 299 11.79 -18.12 8.64
N GLY B 300 11.04 -19.05 9.23
CA GLY B 300 10.47 -18.82 10.54
C GLY B 300 9.15 -18.06 10.56
N GLY B 301 8.34 -18.20 9.51
CA GLY B 301 7.05 -17.57 9.42
C GLY B 301 7.12 -16.06 9.26
N PRO B 302 5.98 -15.38 9.42
CA PRO B 302 5.95 -13.93 9.17
C PRO B 302 6.94 -13.21 10.08
N GLY B 303 7.80 -12.41 9.46
CA GLY B 303 8.84 -11.69 10.18
C GLY B 303 9.80 -12.58 10.93
N GLY B 304 9.89 -13.86 10.59
CA GLY B 304 10.75 -14.76 11.34
C GLY B 304 10.30 -15.04 12.76
N ARG B 305 9.14 -14.53 13.18
CA ARG B 305 8.73 -14.57 14.58
C ARG B 305 8.31 -15.94 15.05
N ARG B 306 8.13 -16.90 14.14
CA ARG B 306 7.60 -18.22 14.45
C ARG B 306 8.66 -19.31 14.48
N ALA B 307 9.94 -18.95 14.36
CA ALA B 307 11.00 -19.95 14.24
C ALA B 307 11.10 -20.78 15.50
N GLY B 308 11.12 -22.11 15.34
CA GLY B 308 11.23 -23.00 16.47
C GLY B 308 10.02 -22.86 17.36
N GLU B 309 8.86 -23.06 16.76
CA GLU B 309 7.58 -23.01 17.45
C GLU B 309 6.76 -24.18 16.93
N SER B 310 6.13 -24.90 17.85
CA SER B 310 5.40 -26.09 17.45
C SER B 310 4.24 -25.74 16.52
N GLY B 311 3.97 -26.62 15.57
CA GLY B 311 2.97 -26.33 14.56
C GLY B 311 3.35 -25.24 13.58
N HIS B 312 4.65 -25.04 13.32
CA HIS B 312 5.09 -24.03 12.37
C HIS B 312 6.28 -24.53 11.56
N THR B 313 6.35 -25.83 11.30
CA THR B 313 7.45 -26.38 10.53
C THR B 313 7.30 -26.00 9.05
N VAL B 314 8.34 -26.31 8.27
CA VAL B 314 8.27 -26.05 6.84
C VAL B 314 7.13 -26.85 6.21
N ALA B 315 6.96 -28.11 6.65
CA ALA B 315 5.87 -28.94 6.13
C ALA B 315 4.52 -28.35 6.51
N ASP B 316 4.40 -27.80 7.73
CA ASP B 316 3.16 -27.15 8.14
C ASP B 316 2.82 -25.96 7.24
N TYR B 317 3.79 -25.05 7.05
CA TYR B 317 3.54 -23.87 6.23
C TYR B 317 3.18 -24.23 4.79
N LEU B 318 3.77 -25.30 4.24
CA LEU B 318 3.50 -25.66 2.85
C LEU B 318 2.08 -26.16 2.66
N LYS B 319 1.55 -26.88 3.64
CA LYS B 319 0.14 -27.25 3.63
C LYS B 319 -0.76 -26.02 3.68
N PHE B 320 -0.41 -25.04 4.53
CA PHE B 320 -1.17 -23.81 4.59
C PHE B 320 -1.13 -23.08 3.24
N LYS B 321 0.07 -22.88 2.71
CA LYS B 321 0.22 -22.22 1.41
C LYS B 321 -0.61 -22.91 0.34
N ASP B 322 -0.56 -24.25 0.28
CA ASP B 322 -1.29 -24.95 -0.76
C ASP B 322 -2.79 -24.70 -0.65
N LEU B 323 -3.34 -24.76 0.57
CA LEU B 323 -4.77 -24.50 0.73
C LEU B 323 -5.12 -23.08 0.31
N ILE B 324 -4.31 -22.10 0.72
CA ILE B 324 -4.58 -20.71 0.35
C ILE B 324 -4.57 -20.53 -1.17
N LEU B 325 -3.61 -21.16 -1.86
CA LEU B 325 -3.53 -21.01 -3.31
C LEU B 325 -4.74 -21.64 -3.99
N ARG B 326 -5.30 -22.70 -3.40
CA ARG B 326 -6.53 -23.25 -3.92
C ARG B 326 -7.70 -22.31 -3.67
N MET B 327 -7.63 -21.48 -2.62
CA MET B 327 -8.69 -20.52 -2.32
C MET B 327 -8.61 -19.28 -3.19
N LEU B 328 -7.40 -18.92 -3.64
CA LEU B 328 -7.18 -17.76 -4.48
C LEU B 328 -6.95 -18.18 -5.94
N ASP B 329 -7.62 -19.25 -6.36
CA ASP B 329 -7.69 -19.62 -7.76
C ASP B 329 -8.42 -18.53 -8.53
N TYR B 330 -7.82 -18.08 -9.64
CA TYR B 330 -8.48 -17.06 -10.46
C TYR B 330 -9.80 -17.55 -11.02
N ASP B 331 -9.92 -18.85 -11.22
CA ASP B 331 -11.05 -19.40 -11.95
C ASP B 331 -12.11 -19.82 -10.94
N PRO B 332 -13.26 -19.15 -10.88
CA PRO B 332 -14.27 -19.50 -9.86
C PRO B 332 -14.76 -20.93 -9.97
N LYS B 333 -14.77 -21.49 -11.19
CA LYS B 333 -15.29 -22.84 -11.39
C LYS B 333 -14.33 -23.92 -10.89
N THR B 334 -13.04 -23.62 -10.78
CA THR B 334 -12.07 -24.56 -10.22
C THR B 334 -11.55 -24.16 -8.85
N ARG B 335 -11.81 -22.92 -8.38
CA ARG B 335 -11.47 -22.53 -7.02
C ARG B 335 -12.01 -23.55 -6.03
N ILE B 336 -11.19 -23.90 -5.02
CA ILE B 336 -11.58 -24.95 -4.10
C ILE B 336 -12.89 -24.56 -3.42
N GLN B 337 -13.76 -25.56 -3.26
CA GLN B 337 -15.08 -25.40 -2.67
C GLN B 337 -15.06 -25.93 -1.25
N PRO B 338 -16.03 -25.53 -0.42
CA PRO B 338 -15.89 -25.77 1.04
C PRO B 338 -15.76 -27.24 1.41
N TYR B 339 -16.60 -28.11 0.84
CA TYR B 339 -16.51 -29.55 1.09
C TYR B 339 -15.10 -30.08 0.91
N TYR B 340 -14.42 -29.68 -0.18
CA TYR B 340 -13.10 -30.22 -0.44
C TYR B 340 -12.03 -29.50 0.37
N ALA B 341 -12.22 -28.19 0.64
CA ALA B 341 -11.32 -27.49 1.56
C ALA B 341 -11.19 -28.24 2.88
N LEU B 342 -12.31 -28.76 3.39
CA LEU B 342 -12.31 -29.45 4.67
C LEU B 342 -11.53 -30.76 4.61
N GLN B 343 -11.33 -31.33 3.42
CA GLN B 343 -10.54 -32.54 3.25
C GLN B 343 -9.05 -32.24 3.05
N HIS B 344 -8.67 -30.97 2.95
CA HIS B 344 -7.27 -30.61 2.74
C HIS B 344 -6.40 -31.13 3.87
N SER B 345 -5.17 -31.50 3.52
CA SER B 345 -4.18 -31.95 4.50
C SER B 345 -3.88 -30.93 5.59
N PHE B 346 -4.11 -29.64 5.32
CA PHE B 346 -3.87 -28.63 6.35
C PHE B 346 -4.69 -28.91 7.60
N PHE B 347 -5.81 -29.63 7.48
CA PHE B 347 -6.69 -29.93 8.59
C PHE B 347 -6.37 -31.25 9.30
N LYS B 348 -5.70 -32.19 8.64
CA LYS B 348 -5.10 -33.32 9.36
C LYS B 348 -3.74 -32.91 9.92
#